data_8GPK
#
_entry.id   8GPK
#
_cell.length_a   91.245
_cell.length_b   62.271
_cell.length_c   97.843
_cell.angle_alpha   90.00
_cell.angle_beta   105.18
_cell.angle_gamma   90.00
#
_symmetry.space_group_name_H-M   'P 1 21 1'
#
loop_
_entity.id
_entity.type
_entity.pdbx_description
1 polymer 'F6 Fab heavy Chain'
2 polymer 'F6 Fab light chain'
#
loop_
_entity_poly.entity_id
_entity_poly.type
_entity_poly.pdbx_seq_one_letter_code
_entity_poly.pdbx_strand_id
1 'polypeptide(L)'
;QVQLQQWGTGLLKPSETLSLTCAVYGVSLRGYYWTWIRQSPKKGLEWIGEIDEIGRTKYSQSLRSRATLSIDTSKKQFSL
RLTSVTAADMATYYCARWRLMMVDEVTRHGMDVWSQGTMVTVSSASTKGPSVFPLAPSSKSTSGGTAALGCLVKDYFPEP
VTVSWNSGALTSGVHTFPAVLQSSGLYSLSSVVTVPSSSLGTQTYICNVNHKPSNTKVDKKVEPKSCDKTHT
;
A,C
2 'polypeptide(L)'
;DIVMTQSPLSLSVAPGEAASISCRSTQSLLNRNGDNYLEWYLRRPGRSPQLLIYLGSERALGVPDRFSGSGSGRDFTLKI
SRVEAQDVGTYYCLQTRQGAFTFGQGTKLEIKRTVAAPSVFIFPPSDSQLKSGTASVVCLLNNFYPREAKVQWKVDNALQ
SGNSQESVTEQDSKDSTYSLSSTLTLSKADYEKHKVYACEVTHQGLSSPVTKSFNRGECG
;
B,D
#
# COMPACT_ATOMS: atom_id res chain seq x y z
N GLN A 1 -27.54 9.64 -8.32
CA GLN A 1 -26.37 10.38 -7.86
C GLN A 1 -26.26 10.32 -6.34
N VAL A 2 -27.14 9.52 -5.73
CA VAL A 2 -27.04 9.23 -4.31
C VAL A 2 -25.95 8.19 -4.09
N GLN A 3 -25.04 8.47 -3.17
CA GLN A 3 -23.91 7.58 -2.90
C GLN A 3 -23.94 7.16 -1.44
N LEU A 4 -23.90 5.85 -1.21
CA LEU A 4 -23.77 5.27 0.12
C LEU A 4 -22.40 4.63 0.24
N GLN A 5 -21.60 5.12 1.18
CA GLN A 5 -20.24 4.63 1.36
C GLN A 5 -20.12 3.93 2.70
N GLN A 6 -19.52 2.73 2.69
CA GLN A 6 -19.41 1.88 3.86
C GLN A 6 -17.95 1.71 4.25
N TRP A 7 -17.68 1.77 5.56
CA TRP A 7 -16.36 1.48 6.09
C TRP A 7 -16.50 0.83 7.45
N GLY A 8 -15.38 0.38 7.99
CA GLY A 8 -15.40 -0.25 9.29
C GLY A 8 -14.43 -1.42 9.41
N THR A 9 -14.79 -2.40 10.23
CA THR A 9 -13.90 -3.51 10.52
C THR A 9 -13.98 -4.55 9.42
N GLY A 10 -12.84 -4.81 8.76
CA GLY A 10 -12.79 -5.81 7.71
C GLY A 10 -12.31 -7.16 8.20
N LEU A 11 -11.61 -7.19 9.33
CA LEU A 11 -11.09 -8.42 9.90
C LEU A 11 -11.34 -8.40 11.41
N LEU A 12 -12.00 -9.44 11.91
CA LEU A 12 -12.28 -9.55 13.34
C LEU A 12 -11.77 -10.89 13.85
N LYS A 13 -11.34 -10.88 15.07
CA LYS A 13 -11.09 -12.13 15.77
C LYS A 13 -12.35 -12.57 16.51
N PRO A 14 -12.55 -13.88 16.67
CA PRO A 14 -13.81 -14.35 17.28
C PRO A 14 -14.04 -13.73 18.65
N SER A 15 -15.31 -13.40 18.91
CA SER A 15 -15.85 -12.78 20.12
C SER A 15 -15.57 -11.28 20.19
N GLU A 16 -14.87 -10.71 19.21
CA GLU A 16 -14.72 -9.26 19.15
C GLU A 16 -15.98 -8.65 18.53
N THR A 17 -15.98 -7.33 18.36
CA THR A 17 -17.19 -6.61 17.95
C THR A 17 -17.01 -5.97 16.58
N LEU A 18 -18.08 -6.03 15.78
CA LEU A 18 -18.08 -5.53 14.41
C LEU A 18 -18.57 -4.09 14.38
N SER A 19 -17.89 -3.25 13.62
CA SER A 19 -18.30 -1.86 13.42
C SER A 19 -18.36 -1.58 11.92
N LEU A 20 -19.52 -1.12 11.46
CA LEU A 20 -19.72 -0.79 10.06
C LEU A 20 -20.59 0.46 9.99
N THR A 21 -20.18 1.42 9.17
CA THR A 21 -20.83 2.72 9.12
C THR A 21 -21.03 3.15 7.69
N CYS A 22 -22.19 3.75 7.39
CA CYS A 22 -22.56 4.12 6.04
C CYS A 22 -22.79 5.62 5.97
N ALA A 23 -21.99 6.31 5.15
CA ALA A 23 -22.13 7.74 4.96
C ALA A 23 -22.91 8.01 3.67
N VAL A 24 -23.99 8.76 3.79
CA VAL A 24 -24.88 9.05 2.67
C VAL A 24 -24.52 10.40 2.09
N TYR A 25 -24.18 10.42 0.81
CA TYR A 25 -23.90 11.65 0.07
C TYR A 25 -25.00 11.86 -0.96
N GLY A 26 -25.62 13.04 -0.92
CA GLY A 26 -26.63 13.38 -1.90
C GLY A 26 -27.99 13.71 -1.33
N VAL A 27 -28.46 12.93 -0.35
CA VAL A 27 -29.76 13.14 0.25
C VAL A 27 -29.61 13.13 1.77
N SER A 28 -30.48 13.88 2.44
CA SER A 28 -30.59 13.79 3.88
C SER A 28 -31.18 12.44 4.28
N LEU A 29 -30.81 11.98 5.47
CA LEU A 29 -31.37 10.73 5.98
C LEU A 29 -32.85 10.83 6.27
N ARG A 30 -33.35 12.06 6.45
CA ARG A 30 -34.75 12.27 6.78
C ARG A 30 -35.64 11.87 5.60
N GLY A 31 -36.70 11.14 5.90
CA GLY A 31 -37.65 10.68 4.90
C GLY A 31 -37.50 9.24 4.48
N TYR A 32 -36.50 8.52 4.99
CA TYR A 32 -36.22 7.16 4.57
C TYR A 32 -36.01 6.26 5.77
N TYR A 33 -36.04 4.96 5.52
CA TYR A 33 -35.61 3.95 6.48
C TYR A 33 -34.26 3.44 6.00
N TRP A 34 -33.39 3.03 6.93
CA TRP A 34 -32.03 2.66 6.57
C TRP A 34 -31.70 1.27 7.12
N THR A 35 -31.34 0.35 6.22
CA THR A 35 -31.21 -1.06 6.54
C THR A 35 -29.82 -1.59 6.24
N TRP A 36 -29.38 -2.53 7.07
CA TRP A 36 -28.14 -3.27 6.86
C TRP A 36 -28.51 -4.69 6.45
N ILE A 37 -28.05 -5.10 5.27
CA ILE A 37 -28.30 -6.45 4.75
C ILE A 37 -26.96 -7.11 4.52
N ARG A 38 -26.81 -8.34 4.99
CA ARG A 38 -25.58 -9.09 4.83
C ARG A 38 -25.80 -10.30 3.94
N GLN A 39 -24.74 -10.71 3.25
CA GLN A 39 -24.77 -11.85 2.35
C GLN A 39 -23.61 -12.79 2.67
N SER A 40 -23.91 -14.06 2.87
CA SER A 40 -22.90 -15.09 3.02
C SER A 40 -23.49 -16.39 2.49
N PRO A 41 -22.66 -17.34 2.08
CA PRO A 41 -23.22 -18.64 1.69
C PRO A 41 -23.89 -19.39 2.83
N LYS A 42 -23.42 -19.23 4.07
CA LYS A 42 -24.09 -19.90 5.19
C LYS A 42 -25.47 -19.30 5.46
N LYS A 43 -25.55 -17.97 5.52
CA LYS A 43 -26.79 -17.28 5.86
C LYS A 43 -27.59 -16.84 4.63
N GLY A 44 -27.00 -16.90 3.44
CA GLY A 44 -27.70 -16.42 2.27
C GLY A 44 -27.76 -14.91 2.25
N LEU A 45 -28.92 -14.38 1.87
CA LEU A 45 -29.20 -12.96 1.96
C LEU A 45 -30.04 -12.74 3.22
N GLU A 46 -29.52 -11.96 4.17
CA GLU A 46 -30.12 -11.87 5.48
C GLU A 46 -30.32 -10.42 5.89
N TRP A 47 -31.55 -10.09 6.29
CA TRP A 47 -31.90 -8.78 6.82
C TRP A 47 -31.42 -8.69 8.26
N ILE A 48 -30.61 -7.68 8.57
CA ILE A 48 -30.14 -7.50 9.94
C ILE A 48 -31.07 -6.58 10.69
N GLY A 49 -31.27 -5.38 10.18
CA GLY A 49 -32.16 -4.43 10.83
C GLY A 49 -32.27 -3.15 10.04
N GLU A 50 -33.28 -2.37 10.39
CA GLU A 50 -33.51 -1.06 9.80
C GLU A 50 -33.54 -0.01 10.90
N ILE A 51 -33.38 1.26 10.50
CA ILE A 51 -33.37 2.37 11.45
C ILE A 51 -34.10 3.56 10.87
N ASP A 52 -34.62 4.40 11.76
CA ASP A 52 -35.32 5.63 11.42
C ASP A 52 -34.39 6.83 11.56
N GLU A 53 -34.88 8.00 11.14
CA GLU A 53 -34.15 9.23 11.45
C GLU A 53 -34.40 9.66 12.89
N ILE A 54 -35.54 9.30 13.46
CA ILE A 54 -35.82 9.60 14.86
C ILE A 54 -34.93 8.76 15.76
N GLY A 55 -34.54 7.58 15.32
CA GLY A 55 -33.78 6.64 16.12
C GLY A 55 -34.49 5.31 16.34
N ARG A 56 -35.75 5.19 15.95
CA ARG A 56 -36.46 3.93 16.11
C ARG A 56 -35.84 2.85 15.25
N THR A 57 -35.80 1.63 15.79
CA THR A 57 -35.09 0.52 15.17
C THR A 57 -35.98 -0.72 15.13
N LYS A 58 -35.77 -1.53 14.09
CA LYS A 58 -36.37 -2.85 14.00
C LYS A 58 -35.26 -3.86 13.72
N TYR A 59 -35.21 -4.92 14.51
CA TYR A 59 -34.15 -5.91 14.42
C TYR A 59 -34.70 -7.29 14.10
N SER A 60 -33.85 -8.14 13.53
CA SER A 60 -34.15 -9.56 13.47
C SER A 60 -34.00 -10.15 14.87
N GLN A 61 -34.86 -11.11 15.20
CA GLN A 61 -34.85 -11.69 16.54
C GLN A 61 -33.51 -12.36 16.85
N SER A 62 -32.95 -13.09 15.88
CA SER A 62 -31.70 -13.80 16.12
C SER A 62 -30.56 -12.84 16.42
N LEU A 63 -30.49 -11.74 15.69
CA LEU A 63 -29.40 -10.78 15.86
C LEU A 63 -29.71 -9.67 16.84
N ARG A 64 -30.95 -9.62 17.36
CA ARG A 64 -31.33 -8.56 18.29
C ARG A 64 -30.40 -8.51 19.51
N SER A 65 -29.91 -9.68 19.94
CA SER A 65 -29.15 -9.74 21.19
C SER A 65 -27.83 -8.98 21.09
N ARG A 66 -27.19 -9.02 19.92
CA ARG A 66 -25.84 -8.47 19.78
C ARG A 66 -25.74 -7.36 18.75
N ALA A 67 -26.86 -6.80 18.29
CA ALA A 67 -26.84 -5.79 17.25
C ALA A 67 -27.36 -4.46 17.79
N THR A 68 -26.66 -3.37 17.44
CA THR A 68 -27.03 -2.03 17.85
C THR A 68 -26.95 -1.11 16.63
N LEU A 69 -28.10 -0.64 16.16
CA LEU A 69 -28.17 0.29 15.05
C LEU A 69 -28.19 1.72 15.57
N SER A 70 -27.33 2.56 15.02
CA SER A 70 -27.26 3.97 15.41
C SER A 70 -27.39 4.84 14.17
N ILE A 71 -27.69 6.11 14.39
CA ILE A 71 -27.83 7.09 13.31
C ILE A 71 -27.50 8.47 13.84
N ASP A 72 -26.95 9.31 12.96
CA ASP A 72 -26.65 10.71 13.25
C ASP A 72 -27.06 11.51 12.03
N THR A 73 -28.24 12.13 12.08
CA THR A 73 -28.75 12.87 10.94
C THR A 73 -27.86 14.04 10.58
N SER A 74 -27.23 14.68 11.57
CA SER A 74 -26.36 15.82 11.28
C SER A 74 -25.14 15.40 10.47
N LYS A 75 -24.51 14.30 10.85
CA LYS A 75 -23.35 13.80 10.12
C LYS A 75 -23.74 12.91 8.95
N LYS A 76 -25.03 12.64 8.79
CA LYS A 76 -25.56 11.84 7.67
C LYS A 76 -24.85 10.50 7.56
N GLN A 77 -24.74 9.80 8.69
CA GLN A 77 -24.16 8.47 8.68
C GLN A 77 -24.80 7.62 9.78
N PHE A 78 -25.16 6.40 9.43
CA PHE A 78 -25.68 5.40 10.35
C PHE A 78 -24.71 4.23 10.45
N SER A 79 -24.84 3.46 11.53
CA SER A 79 -23.87 2.40 11.81
C SER A 79 -24.57 1.18 12.39
N LEU A 80 -23.94 0.02 12.20
CA LEU A 80 -24.36 -1.24 12.79
C LEU A 80 -23.22 -1.82 13.60
N ARG A 81 -23.51 -2.27 14.82
CA ARG A 81 -22.54 -2.92 15.68
C ARG A 81 -23.00 -4.34 15.97
N LEU A 82 -22.17 -5.32 15.61
CA LEU A 82 -22.45 -6.73 15.89
C LEU A 82 -21.41 -7.25 16.86
N THR A 83 -21.85 -7.71 18.03
CA THR A 83 -20.98 -8.12 19.11
C THR A 83 -20.82 -9.64 19.11
N SER A 84 -19.70 -10.10 19.67
CA SER A 84 -19.41 -11.53 19.80
C SER A 84 -19.44 -12.22 18.43
N VAL A 85 -18.66 -11.66 17.50
CA VAL A 85 -18.65 -12.16 16.13
C VAL A 85 -18.24 -13.63 16.14
N THR A 86 -19.02 -14.44 15.44
CA THR A 86 -18.75 -15.86 15.28
C THR A 86 -18.47 -16.14 13.81
N ALA A 87 -18.12 -17.40 13.52
CA ALA A 87 -17.81 -17.78 12.15
C ALA A 87 -19.01 -17.61 11.23
N ALA A 88 -20.21 -17.57 11.78
CA ALA A 88 -21.42 -17.31 11.00
C ALA A 88 -21.62 -15.83 10.71
N ASP A 89 -20.87 -14.95 11.37
CA ASP A 89 -20.97 -13.52 11.13
C ASP A 89 -20.05 -13.04 10.00
N MET A 90 -19.09 -13.87 9.59
CA MET A 90 -18.27 -13.55 8.42
C MET A 90 -19.14 -13.51 7.17
N ALA A 91 -19.24 -12.33 6.56
CA ALA A 91 -20.13 -12.14 5.42
C ALA A 91 -19.78 -10.82 4.75
N THR A 92 -20.38 -10.60 3.58
CA THR A 92 -20.40 -9.29 2.95
C THR A 92 -21.58 -8.51 3.51
N TYR A 93 -21.33 -7.24 3.82
CA TYR A 93 -22.35 -6.39 4.46
C TYR A 93 -22.66 -5.20 3.57
N TYR A 94 -23.94 -4.90 3.44
CA TYR A 94 -24.41 -3.78 2.62
C TYR A 94 -25.26 -2.87 3.49
N CYS A 95 -25.27 -1.58 3.15
CA CYS A 95 -26.27 -0.66 3.68
C CYS A 95 -27.19 -0.25 2.55
N ALA A 96 -28.48 -0.16 2.85
CA ALA A 96 -29.48 0.17 1.85
C ALA A 96 -30.36 1.29 2.36
N ARG A 97 -30.97 2.00 1.41
CA ARG A 97 -31.93 3.06 1.69
C ARG A 97 -33.31 2.59 1.25
N TRP A 98 -34.22 2.45 2.19
CA TRP A 98 -35.60 2.13 1.84
C TRP A 98 -36.29 3.34 1.24
N ARG A 99 -37.27 3.07 0.39
CA ARG A 99 -38.16 4.09 -0.15
C ARG A 99 -39.56 3.74 0.31
N LEU A 100 -40.22 4.68 0.99
CA LEU A 100 -41.49 4.38 1.62
C LEU A 100 -42.52 5.43 1.22
N MET A 101 -43.78 5.01 1.15
CA MET A 101 -44.88 5.89 0.80
C MET A 101 -46.06 5.58 1.72
N MET A 102 -46.68 6.64 2.25
CA MET A 102 -47.70 6.49 3.27
C MET A 102 -49.09 6.68 2.68
N VAL A 103 -49.86 5.60 2.64
CA VAL A 103 -51.27 5.65 2.30
C VAL A 103 -52.04 4.88 3.35
N ASP A 104 -52.22 5.51 4.53
CA ASP A 104 -52.89 4.92 5.70
C ASP A 104 -52.06 3.82 6.34
N GLU A 105 -50.97 3.42 5.69
CA GLU A 105 -50.01 2.49 6.24
C GLU A 105 -48.69 2.73 5.53
N VAL A 106 -47.59 2.62 6.26
CA VAL A 106 -46.29 2.81 5.62
C VAL A 106 -46.05 1.63 4.67
N THR A 107 -46.28 1.87 3.38
CA THR A 107 -45.92 0.91 2.35
C THR A 107 -44.49 1.15 1.92
N ARG A 108 -43.84 0.06 1.50
CA ARG A 108 -42.42 0.08 1.15
C ARG A 108 -42.25 -0.07 -0.35
N HIS A 109 -41.53 0.86 -0.96
CA HIS A 109 -41.31 0.88 -2.41
C HIS A 109 -39.93 0.40 -2.80
N GLY A 110 -39.28 -0.42 -1.97
CA GLY A 110 -38.04 -1.05 -2.34
C GLY A 110 -36.82 -0.26 -1.88
N MET A 111 -35.69 -0.97 -1.87
CA MET A 111 -34.40 -0.39 -1.50
C MET A 111 -33.73 0.10 -2.77
N ASP A 112 -33.91 1.38 -3.06
CA ASP A 112 -33.47 1.91 -4.35
C ASP A 112 -31.95 1.99 -4.44
N VAL A 113 -31.28 2.38 -3.35
CA VAL A 113 -29.84 2.56 -3.35
C VAL A 113 -29.22 1.54 -2.39
N TRP A 114 -28.17 0.86 -2.85
CA TRP A 114 -27.38 -0.06 -2.05
C TRP A 114 -25.95 0.46 -1.97
N SER A 115 -25.13 -0.21 -1.17
CA SER A 115 -23.75 0.21 -0.95
C SER A 115 -22.78 -0.66 -1.74
N GLN A 116 -21.51 -0.24 -1.70
CA GLN A 116 -20.46 -0.97 -2.39
C GLN A 116 -20.32 -2.40 -1.85
N GLY A 117 -20.37 -2.54 -0.54
CA GLY A 117 -20.17 -3.81 0.12
C GLY A 117 -18.86 -3.78 0.88
N THR A 118 -18.85 -4.41 2.06
CA THR A 118 -17.65 -4.49 2.88
C THR A 118 -17.54 -5.92 3.39
N MET A 119 -16.56 -6.65 2.89
CA MET A 119 -16.32 -8.01 3.36
C MET A 119 -15.79 -7.99 4.79
N VAL A 120 -16.40 -8.75 5.67
CA VAL A 120 -16.00 -8.83 7.07
C VAL A 120 -15.60 -10.28 7.35
N THR A 121 -14.32 -10.48 7.69
CA THR A 121 -13.77 -11.80 7.91
C THR A 121 -13.56 -12.04 9.40
N VAL A 122 -14.03 -13.17 9.89
CA VAL A 122 -13.85 -13.58 11.28
C VAL A 122 -12.76 -14.64 11.30
N SER A 123 -11.59 -14.28 11.82
CA SER A 123 -10.45 -15.18 11.84
C SER A 123 -9.41 -14.66 12.82
N SER A 124 -8.57 -15.57 13.30
CA SER A 124 -7.48 -15.23 14.19
C SER A 124 -6.17 -14.96 13.45
N ALA A 125 -6.18 -15.07 12.13
CA ALA A 125 -4.96 -14.89 11.36
C ALA A 125 -4.56 -13.42 11.32
N SER A 126 -3.25 -13.19 11.29
CA SER A 126 -2.72 -11.83 11.21
C SER A 126 -2.76 -11.33 9.77
N THR A 127 -2.81 -10.01 9.62
CA THR A 127 -2.85 -9.40 8.30
C THR A 127 -1.51 -9.57 7.60
N LYS A 128 -1.55 -10.09 6.38
CA LYS A 128 -0.34 -10.34 5.59
C LYS A 128 -0.45 -9.60 4.26
N GLY A 129 0.63 -8.91 3.90
CA GLY A 129 0.66 -8.16 2.66
C GLY A 129 0.87 -9.05 1.45
N PRO A 130 0.28 -8.67 0.32
CA PRO A 130 0.40 -9.49 -0.89
C PRO A 130 1.74 -9.34 -1.58
N SER A 131 2.09 -10.38 -2.34
CA SER A 131 3.24 -10.37 -3.22
C SER A 131 2.76 -10.31 -4.66
N VAL A 132 3.25 -9.32 -5.40
CA VAL A 132 2.79 -9.05 -6.76
C VAL A 132 3.87 -9.52 -7.73
N PHE A 133 3.50 -10.41 -8.65
CA PHE A 133 4.41 -10.98 -9.61
C PHE A 133 3.86 -10.80 -11.02
N PRO A 134 4.71 -10.43 -11.99
CA PRO A 134 4.21 -10.16 -13.33
C PRO A 134 4.10 -11.41 -14.20
N LEU A 135 2.90 -11.63 -14.76
CA LEU A 135 2.71 -12.66 -15.78
C LEU A 135 2.94 -12.00 -17.14
N ALA A 136 4.02 -12.41 -17.81
CA ALA A 136 4.51 -11.63 -18.95
C ALA A 136 4.07 -12.24 -20.28
N PRO A 137 3.94 -11.40 -21.31
CA PRO A 137 3.64 -11.92 -22.65
C PRO A 137 4.84 -12.65 -23.23
N SER A 138 4.53 -13.67 -24.04
CA SER A 138 5.54 -14.48 -24.70
C SER A 138 4.92 -15.09 -25.95
N SER A 139 5.72 -15.86 -26.68
CA SER A 139 5.17 -16.63 -27.78
C SER A 139 4.06 -17.55 -27.28
N LYS A 140 4.21 -18.07 -26.06
CA LYS A 140 3.18 -18.91 -25.48
C LYS A 140 1.97 -18.08 -25.06
N SER A 141 2.20 -16.85 -24.59
CA SER A 141 1.09 -16.02 -24.17
C SER A 141 0.34 -15.43 -25.37
N THR A 142 1.07 -15.11 -26.44
CA THR A 142 0.45 -14.52 -27.62
C THR A 142 -0.31 -15.57 -28.42
N SER A 143 -1.40 -15.14 -29.05
CA SER A 143 -2.21 -16.01 -29.90
C SER A 143 -2.74 -15.14 -31.05
N GLY A 144 -1.95 -15.07 -32.11
CA GLY A 144 -2.34 -14.24 -33.25
C GLY A 144 -2.27 -12.77 -32.88
N GLY A 145 -3.36 -12.06 -33.15
CA GLY A 145 -3.40 -10.64 -32.78
C GLY A 145 -3.52 -10.44 -31.28
N THR A 146 -4.24 -11.33 -30.60
CA THR A 146 -4.44 -11.21 -29.17
C THR A 146 -3.20 -11.67 -28.41
N ALA A 147 -2.76 -10.85 -27.46
CA ALA A 147 -1.66 -11.17 -26.56
C ALA A 147 -2.14 -11.06 -25.13
N ALA A 148 -1.68 -11.97 -24.27
CA ALA A 148 -2.10 -12.04 -22.89
C ALA A 148 -0.93 -11.77 -21.96
N LEU A 149 -1.18 -10.91 -20.98
CA LEU A 149 -0.31 -10.62 -19.85
C LEU A 149 -1.12 -10.62 -18.56
N GLY A 150 -0.42 -10.51 -17.44
CA GLY A 150 -1.13 -10.65 -16.18
C GLY A 150 -0.35 -10.14 -14.99
N CYS A 151 -1.05 -10.08 -13.86
CA CYS A 151 -0.51 -9.66 -12.58
C CYS A 151 -0.99 -10.67 -11.54
N LEU A 152 -0.06 -11.24 -10.77
CA LEU A 152 -0.37 -12.30 -9.82
C LEU A 152 -0.25 -11.76 -8.40
N VAL A 153 -1.37 -11.78 -7.68
CA VAL A 153 -1.42 -11.33 -6.28
C VAL A 153 -1.33 -12.60 -5.44
N LYS A 154 -0.10 -12.95 -5.04
CA LYS A 154 0.19 -14.31 -4.59
C LYS A 154 -0.37 -14.63 -3.21
N ASP A 155 0.05 -13.90 -2.17
CA ASP A 155 -0.17 -14.34 -0.80
C ASP A 155 -0.68 -13.18 0.04
N TYR A 156 -1.98 -13.19 0.37
CA TYR A 156 -2.55 -12.09 1.13
C TYR A 156 -3.69 -12.55 2.02
N PHE A 157 -3.83 -11.84 3.15
CA PHE A 157 -4.93 -11.96 4.12
C PHE A 157 -5.18 -10.57 4.69
N PRO A 158 -6.44 -10.16 4.89
CA PRO A 158 -7.68 -10.84 4.45
C PRO A 158 -8.02 -10.54 2.98
N GLU A 159 -9.28 -10.75 2.60
CA GLU A 159 -9.70 -10.87 1.19
C GLU A 159 -9.58 -9.62 0.30
N PRO A 160 -9.96 -8.42 0.74
CA PRO A 160 -10.03 -7.27 -0.18
C PRO A 160 -8.71 -7.00 -0.90
N VAL A 161 -8.72 -7.19 -2.22
CA VAL A 161 -7.65 -6.76 -3.12
C VAL A 161 -8.27 -6.15 -4.36
N THR A 162 -7.82 -4.97 -4.74
CA THR A 162 -8.31 -4.23 -5.89
C THR A 162 -7.18 -4.06 -6.90
N VAL A 163 -7.43 -4.46 -8.14
CA VAL A 163 -6.43 -4.42 -9.20
C VAL A 163 -6.96 -3.58 -10.36
N SER A 164 -6.19 -2.57 -10.76
CA SER A 164 -6.48 -1.76 -11.93
C SER A 164 -5.27 -1.75 -12.85
N TRP A 165 -5.52 -1.55 -14.14
CA TRP A 165 -4.47 -1.57 -15.15
C TRP A 165 -4.27 -0.18 -15.73
N ASN A 166 -3.01 0.23 -15.85
CA ASN A 166 -2.64 1.55 -16.38
C ASN A 166 -3.34 2.66 -15.62
N SER A 167 -3.44 2.49 -14.30
CA SER A 167 -4.10 3.46 -13.41
C SER A 167 -5.54 3.72 -13.83
N GLY A 168 -6.25 2.64 -14.16
CA GLY A 168 -7.65 2.73 -14.55
C GLY A 168 -7.90 3.03 -16.01
N ALA A 169 -6.86 3.37 -16.77
CA ALA A 169 -7.07 3.70 -18.19
C ALA A 169 -7.45 2.46 -18.99
N LEU A 170 -6.86 1.32 -18.67
CA LEU A 170 -7.11 0.08 -19.40
C LEU A 170 -8.16 -0.75 -18.66
N THR A 171 -9.38 -0.75 -19.19
CA THR A 171 -10.42 -1.67 -18.76
C THR A 171 -10.85 -2.62 -19.86
N SER A 172 -10.27 -2.50 -21.06
CA SER A 172 -10.65 -3.32 -22.19
C SER A 172 -9.94 -4.67 -22.10
N GLY A 173 -10.72 -5.73 -21.90
CA GLY A 173 -10.15 -7.05 -21.79
C GLY A 173 -9.55 -7.39 -20.44
N VAL A 174 -9.79 -6.57 -19.42
CA VAL A 174 -9.24 -6.79 -18.09
C VAL A 174 -10.14 -7.79 -17.35
N HIS A 175 -9.60 -8.97 -17.08
CA HIS A 175 -10.27 -10.02 -16.32
C HIS A 175 -9.55 -10.17 -14.98
N THR A 176 -10.24 -9.88 -13.89
CA THR A 176 -9.72 -10.12 -12.55
C THR A 176 -10.48 -11.31 -11.97
N PHE A 177 -9.80 -12.43 -11.86
CA PHE A 177 -10.43 -13.68 -11.46
C PHE A 177 -10.72 -13.68 -9.95
N PRO A 178 -11.75 -14.41 -9.53
CA PRO A 178 -11.96 -14.63 -8.09
C PRO A 178 -10.71 -15.23 -7.46
N ALA A 179 -10.42 -14.80 -6.24
CA ALA A 179 -9.26 -15.33 -5.55
C ALA A 179 -9.51 -16.77 -5.12
N VAL A 180 -8.41 -17.48 -4.86
CA VAL A 180 -8.46 -18.84 -4.32
C VAL A 180 -7.80 -18.83 -2.95
N LEU A 181 -8.37 -19.60 -2.03
CA LEU A 181 -7.82 -19.70 -0.68
C LEU A 181 -6.91 -20.93 -0.62
N GLN A 182 -5.63 -20.69 -0.38
CA GLN A 182 -4.62 -21.73 -0.36
C GLN A 182 -4.72 -22.55 0.92
N SER A 183 -4.03 -23.70 0.93
CA SER A 183 -3.95 -24.50 2.14
C SER A 183 -3.29 -23.73 3.27
N SER A 184 -2.37 -22.83 2.95
CA SER A 184 -1.68 -22.04 3.95
C SER A 184 -2.58 -21.03 4.65
N GLY A 185 -3.84 -20.90 4.23
CA GLY A 185 -4.75 -19.94 4.81
C GLY A 185 -4.72 -18.57 4.20
N LEU A 186 -3.77 -18.30 3.31
CA LEU A 186 -3.68 -17.03 2.59
C LEU A 186 -4.32 -17.17 1.22
N TYR A 187 -4.65 -16.03 0.62
CA TYR A 187 -5.33 -16.01 -0.67
C TYR A 187 -4.35 -15.85 -1.82
N SER A 188 -4.84 -16.17 -3.02
CA SER A 188 -4.08 -15.98 -4.26
C SER A 188 -5.04 -15.54 -5.35
N LEU A 189 -4.61 -14.56 -6.16
CA LEU A 189 -5.49 -13.98 -7.16
C LEU A 189 -4.68 -13.60 -8.40
N SER A 190 -5.32 -13.71 -9.57
CA SER A 190 -4.71 -13.32 -10.82
C SER A 190 -5.64 -12.38 -11.58
N SER A 191 -5.08 -11.30 -12.12
CA SER A 191 -5.78 -10.40 -13.02
C SER A 191 -5.02 -10.35 -14.33
N VAL A 192 -5.75 -10.48 -15.44
CA VAL A 192 -5.12 -10.55 -16.75
C VAL A 192 -5.86 -9.60 -17.68
N VAL A 193 -5.21 -9.32 -18.81
CA VAL A 193 -5.78 -8.46 -19.83
C VAL A 193 -5.24 -8.89 -21.19
N THR A 194 -6.13 -8.94 -22.18
CA THR A 194 -5.84 -9.33 -23.55
C THR A 194 -5.75 -8.07 -24.40
N VAL A 195 -4.55 -7.78 -24.90
CA VAL A 195 -4.29 -6.59 -25.69
C VAL A 195 -3.88 -7.02 -27.09
N PRO A 196 -3.88 -6.13 -28.08
CA PRO A 196 -3.28 -6.48 -29.37
C PRO A 196 -1.78 -6.72 -29.23
N SER A 197 -1.30 -7.77 -29.91
CA SER A 197 0.11 -8.12 -29.82
C SER A 197 1.00 -7.01 -30.35
N SER A 198 0.50 -6.19 -31.28
CA SER A 198 1.28 -5.07 -31.78
C SER A 198 1.57 -4.05 -30.70
N SER A 199 0.70 -3.95 -29.69
CA SER A 199 0.89 -2.99 -28.61
C SER A 199 2.06 -3.34 -27.72
N LEU A 200 2.52 -4.59 -27.73
CA LEU A 200 3.63 -5.01 -26.88
C LEU A 200 4.91 -4.28 -27.27
N GLY A 201 5.72 -3.98 -26.26
CA GLY A 201 6.95 -3.22 -26.48
C GLY A 201 6.75 -1.73 -26.55
N THR A 202 5.86 -1.26 -27.42
CA THR A 202 5.63 0.16 -27.57
C THR A 202 4.79 0.71 -26.42
N GLN A 203 3.70 0.05 -26.10
CA GLN A 203 2.85 0.48 -24.98
C GLN A 203 3.49 0.06 -23.66
N THR A 204 3.08 0.75 -22.59
CA THR A 204 3.59 0.50 -21.25
C THR A 204 2.44 0.03 -20.39
N TYR A 205 2.45 -1.26 -20.02
CA TYR A 205 1.40 -1.86 -19.22
C TYR A 205 1.85 -1.99 -17.78
N ILE A 206 1.00 -1.56 -16.85
CA ILE A 206 1.28 -1.60 -15.43
C ILE A 206 0.02 -2.11 -14.73
N CYS A 207 0.22 -2.85 -13.64
CA CYS A 207 -0.88 -3.37 -12.83
C CYS A 207 -0.78 -2.79 -11.44
N ASN A 208 -1.83 -2.11 -11.00
CA ASN A 208 -1.88 -1.49 -9.68
C ASN A 208 -2.65 -2.41 -8.74
N VAL A 209 -1.96 -2.98 -7.76
CA VAL A 209 -2.59 -3.78 -6.72
C VAL A 209 -2.73 -2.92 -5.47
N ASN A 210 -3.87 -3.03 -4.79
CA ASN A 210 -4.13 -2.26 -3.59
C ASN A 210 -4.77 -3.18 -2.55
N HIS A 211 -4.03 -3.51 -1.51
CA HIS A 211 -4.51 -4.32 -0.39
C HIS A 211 -4.54 -3.40 0.83
N LYS A 212 -5.70 -2.79 1.07
CA LYS A 212 -5.87 -1.81 2.14
C LYS A 212 -5.70 -2.39 3.54
N PRO A 213 -6.18 -3.61 3.83
CA PRO A 213 -5.93 -4.17 5.18
C PRO A 213 -4.46 -4.21 5.57
N SER A 214 -3.56 -4.38 4.62
CA SER A 214 -2.12 -4.32 4.90
C SER A 214 -1.51 -2.99 4.52
N ASN A 215 -2.30 -2.07 3.97
CA ASN A 215 -1.81 -0.76 3.51
C ASN A 215 -0.67 -0.92 2.51
N THR A 216 -0.89 -1.80 1.53
CA THR A 216 0.12 -2.16 0.54
C THR A 216 -0.43 -1.89 -0.85
N LYS A 217 0.07 -0.84 -1.50
CA LYS A 217 -0.26 -0.53 -2.89
C LYS A 217 1.02 -0.59 -3.70
N VAL A 218 1.07 -1.51 -4.67
CA VAL A 218 2.25 -1.71 -5.50
C VAL A 218 1.86 -1.59 -6.97
N ASP A 219 2.73 -0.97 -7.75
CA ASP A 219 2.57 -0.86 -9.20
C ASP A 219 3.67 -1.67 -9.86
N LYS A 220 3.29 -2.73 -10.58
CA LYS A 220 4.25 -3.64 -11.19
C LYS A 220 4.19 -3.55 -12.71
N LYS A 221 5.36 -3.56 -13.34
CA LYS A 221 5.46 -3.46 -14.79
C LYS A 221 5.52 -4.86 -15.40
N VAL A 222 4.77 -5.05 -16.48
CA VAL A 222 4.77 -6.32 -17.21
C VAL A 222 5.57 -6.11 -18.48
N GLU A 223 6.72 -6.77 -18.57
CA GLU A 223 7.61 -6.64 -19.71
C GLU A 223 7.67 -7.95 -20.47
N PRO A 224 7.40 -7.94 -21.78
CA PRO A 224 7.37 -9.15 -22.64
C PRO A 224 8.68 -9.94 -22.60
N ASP B 1 -39.92 -15.90 10.52
CA ASP B 1 -40.40 -17.27 10.39
C ASP B 1 -41.20 -17.48 9.11
N ILE B 2 -41.12 -16.52 8.20
CA ILE B 2 -41.70 -16.65 6.86
C ILE B 2 -40.57 -17.08 5.93
N VAL B 3 -40.72 -18.24 5.31
CA VAL B 3 -39.68 -18.82 4.46
C VAL B 3 -40.06 -18.61 3.00
N MET B 4 -39.10 -18.16 2.20
CA MET B 4 -39.30 -17.92 0.78
C MET B 4 -38.49 -18.95 -0.02
N THR B 5 -39.19 -19.74 -0.83
CA THR B 5 -38.57 -20.77 -1.66
C THR B 5 -38.81 -20.45 -3.11
N GLN B 6 -37.73 -20.32 -3.87
CA GLN B 6 -37.80 -20.01 -5.29
C GLN B 6 -37.71 -21.30 -6.10
N SER B 7 -38.50 -21.39 -7.18
CA SER B 7 -38.66 -22.65 -7.89
C SER B 7 -37.41 -22.99 -8.71
N PRO B 8 -37.06 -22.28 -9.80
CA PRO B 8 -35.86 -22.67 -10.58
C PRO B 8 -34.61 -22.16 -9.90
N LEU B 9 -33.78 -23.08 -9.40
CA LEU B 9 -32.56 -22.66 -8.71
C LEU B 9 -31.53 -22.09 -9.68
N SER B 10 -31.37 -22.72 -10.84
CA SER B 10 -30.52 -22.22 -11.91
C SER B 10 -31.27 -22.31 -13.23
N LEU B 11 -31.05 -21.34 -14.10
CA LEU B 11 -31.77 -21.26 -15.37
C LEU B 11 -30.83 -20.77 -16.45
N SER B 12 -30.71 -21.54 -17.53
CA SER B 12 -30.01 -21.11 -18.73
C SER B 12 -31.06 -20.92 -19.83
N VAL B 13 -31.17 -19.70 -20.33
CA VAL B 13 -32.14 -19.34 -21.36
C VAL B 13 -31.40 -18.76 -22.56
N ALA B 14 -31.90 -19.07 -23.75
CA ALA B 14 -31.28 -18.54 -24.96
C ALA B 14 -31.63 -17.07 -25.12
N PRO B 15 -30.73 -16.26 -25.67
CA PRO B 15 -31.05 -14.84 -25.90
C PRO B 15 -32.25 -14.69 -26.81
N GLY B 16 -33.26 -13.98 -26.32
CA GLY B 16 -34.51 -13.81 -27.04
C GLY B 16 -35.65 -14.64 -26.51
N GLU B 17 -35.38 -15.61 -25.64
CA GLU B 17 -36.42 -16.46 -25.09
C GLU B 17 -36.88 -15.92 -23.73
N ALA B 18 -37.88 -16.57 -23.15
CA ALA B 18 -38.51 -16.09 -21.94
C ALA B 18 -38.05 -16.90 -20.73
N ALA B 19 -37.90 -16.22 -19.60
CA ALA B 19 -37.57 -16.85 -18.33
C ALA B 19 -38.67 -16.54 -17.32
N SER B 20 -38.88 -17.47 -16.39
CA SER B 20 -39.96 -17.36 -15.41
C SER B 20 -39.45 -17.89 -14.06
N ILE B 21 -38.84 -17.02 -13.28
CA ILE B 21 -38.46 -17.37 -11.91
C ILE B 21 -39.70 -17.30 -11.03
N SER B 22 -39.91 -18.34 -10.23
CA SER B 22 -41.07 -18.44 -9.36
C SER B 22 -40.64 -18.36 -7.91
N CYS B 23 -41.51 -17.80 -7.07
CA CYS B 23 -41.26 -17.63 -5.65
C CYS B 23 -42.49 -18.06 -4.87
N ARG B 24 -42.28 -18.56 -3.65
CA ARG B 24 -43.38 -19.01 -2.82
C ARG B 24 -43.09 -18.69 -1.37
N SER B 25 -44.13 -18.27 -0.65
CA SER B 25 -44.03 -17.93 0.77
C SER B 25 -44.93 -18.85 1.57
N THR B 26 -44.53 -19.09 2.83
CA THR B 26 -45.32 -19.94 3.71
C THR B 26 -46.67 -19.31 4.03
N GLN B 27 -46.71 -17.99 4.13
CA GLN B 27 -47.90 -17.25 4.51
C GLN B 27 -48.19 -16.18 3.48
N SER B 28 -49.48 -15.83 3.35
CA SER B 28 -49.89 -14.87 2.35
C SER B 28 -49.30 -13.49 2.64
N LEU B 29 -48.81 -12.84 1.60
CA LEU B 29 -48.22 -11.50 1.69
C LEU B 29 -49.22 -10.40 1.33
N LEU B 30 -50.50 -10.77 1.22
CA LEU B 30 -51.54 -9.84 0.78
C LEU B 30 -51.87 -8.84 1.87
N ASN B 31 -52.28 -7.64 1.46
CA ASN B 31 -52.81 -6.64 2.37
C ASN B 31 -54.24 -6.30 1.97
N ARG B 32 -54.86 -5.43 2.78
CA ARG B 32 -56.28 -5.12 2.59
C ARG B 32 -56.57 -4.66 1.17
N ASN B 33 -55.73 -3.79 0.63
CA ASN B 33 -55.96 -3.25 -0.70
C ASN B 33 -55.93 -4.34 -1.76
N GLY B 34 -55.06 -5.33 -1.59
CA GLY B 34 -54.85 -6.33 -2.61
C GLY B 34 -53.39 -6.39 -3.00
N ASP B 35 -52.61 -5.42 -2.54
CA ASP B 35 -51.18 -5.44 -2.82
C ASP B 35 -50.48 -6.50 -2.00
N ASN B 36 -49.42 -7.06 -2.56
CA ASN B 36 -48.61 -8.06 -1.90
C ASN B 36 -47.27 -7.45 -1.53
N TYR B 37 -46.72 -7.90 -0.41
CA TYR B 37 -45.47 -7.34 0.10
C TYR B 37 -44.27 -8.15 -0.39
N LEU B 38 -44.08 -8.14 -1.70
CA LEU B 38 -42.97 -8.86 -2.31
C LEU B 38 -42.16 -7.93 -3.20
N GLU B 39 -40.84 -8.07 -3.12
CA GLU B 39 -39.91 -7.29 -3.91
C GLU B 39 -38.89 -8.24 -4.53
N TRP B 40 -38.48 -7.91 -5.75
CA TRP B 40 -37.51 -8.70 -6.50
C TRP B 40 -36.21 -7.94 -6.64
N TYR B 41 -35.09 -8.60 -6.32
CA TYR B 41 -33.77 -8.00 -6.44
C TYR B 41 -32.89 -8.84 -7.34
N LEU B 42 -31.99 -8.17 -8.04
CA LEU B 42 -31.07 -8.79 -8.99
C LEU B 42 -29.66 -8.40 -8.60
N ARG B 43 -28.82 -9.38 -8.26
CA ARG B 43 -27.42 -9.13 -7.95
C ARG B 43 -26.59 -9.57 -9.16
N ARG B 44 -26.16 -8.60 -9.96
CA ARG B 44 -25.34 -8.87 -11.12
C ARG B 44 -23.97 -9.38 -10.68
N PRO B 45 -23.22 -10.02 -11.60
CA PRO B 45 -21.88 -10.53 -11.21
C PRO B 45 -20.92 -9.43 -10.79
N GLY B 46 -20.56 -9.40 -9.52
CA GLY B 46 -19.60 -8.46 -8.98
C GLY B 46 -20.22 -7.23 -8.33
N ARG B 47 -21.49 -6.95 -8.59
CA ARG B 47 -22.12 -5.74 -8.09
C ARG B 47 -23.00 -6.05 -6.89
N SER B 48 -23.56 -4.98 -6.31
CA SER B 48 -24.49 -5.07 -5.20
C SER B 48 -25.90 -5.28 -5.73
N PRO B 49 -26.85 -5.64 -4.86
CA PRO B 49 -28.23 -5.85 -5.31
C PRO B 49 -28.83 -4.59 -5.92
N GLN B 50 -29.71 -4.80 -6.90
CA GLN B 50 -30.54 -3.76 -7.48
C GLN B 50 -32.00 -4.15 -7.31
N LEU B 51 -32.87 -3.15 -7.32
CA LEU B 51 -34.30 -3.37 -7.19
C LEU B 51 -34.93 -3.51 -8.57
N LEU B 52 -35.71 -4.58 -8.76
CA LEU B 52 -36.44 -4.80 -9.99
C LEU B 52 -37.93 -4.53 -9.78
N ILE B 53 -38.60 -5.34 -8.96
CA ILE B 53 -40.04 -5.25 -8.75
C ILE B 53 -40.29 -4.93 -7.28
N TYR B 54 -41.29 -4.10 -7.01
CA TYR B 54 -41.77 -3.87 -5.65
C TYR B 54 -43.29 -3.92 -5.66
N LEU B 55 -43.85 -4.30 -4.50
CA LEU B 55 -45.30 -4.47 -4.33
C LEU B 55 -45.87 -5.45 -5.35
N GLY B 56 -45.09 -6.46 -5.70
CA GLY B 56 -45.58 -7.56 -6.50
C GLY B 56 -45.48 -7.35 -8.00
N SER B 57 -45.82 -6.16 -8.47
CA SER B 57 -45.91 -5.90 -9.91
C SER B 57 -45.26 -4.61 -10.36
N GLU B 58 -45.05 -3.63 -9.48
CA GLU B 58 -44.56 -2.33 -9.89
C GLU B 58 -43.08 -2.36 -10.24
N ARG B 59 -42.74 -1.90 -11.43
CA ARG B 59 -41.36 -1.85 -11.87
C ARG B 59 -40.62 -0.71 -11.19
N ALA B 60 -39.34 -0.94 -10.91
CA ALA B 60 -38.50 0.12 -10.38
C ALA B 60 -38.08 1.08 -11.50
N LEU B 61 -37.44 2.17 -11.11
CA LEU B 61 -36.98 3.16 -12.08
C LEU B 61 -35.73 2.66 -12.80
N GLY B 62 -35.75 2.75 -14.12
CA GLY B 62 -34.66 2.21 -14.92
C GLY B 62 -34.74 0.72 -15.19
N VAL B 63 -35.86 0.08 -14.85
CA VAL B 63 -36.03 -1.36 -15.07
C VAL B 63 -36.79 -1.53 -16.38
N PRO B 64 -36.24 -2.25 -17.37
CA PRO B 64 -36.89 -2.32 -18.68
C PRO B 64 -38.24 -2.99 -18.62
N ASP B 65 -38.99 -2.85 -19.72
CA ASP B 65 -40.34 -3.40 -19.81
C ASP B 65 -40.34 -4.92 -19.76
N ARG B 66 -39.22 -5.56 -20.08
CA ARG B 66 -39.17 -7.02 -20.09
C ARG B 66 -39.44 -7.59 -18.71
N PHE B 67 -38.77 -7.04 -17.69
CA PHE B 67 -38.99 -7.48 -16.33
C PHE B 67 -40.42 -7.18 -15.90
N SER B 68 -41.11 -8.19 -15.37
CA SER B 68 -42.52 -8.02 -15.03
C SER B 68 -42.90 -9.01 -13.95
N GLY B 69 -43.18 -8.50 -12.74
CA GLY B 69 -43.66 -9.34 -11.67
C GLY B 69 -45.16 -9.53 -11.71
N SER B 70 -45.61 -10.63 -11.10
CA SER B 70 -47.03 -10.96 -11.07
C SER B 70 -47.26 -11.98 -9.95
N GLY B 71 -48.52 -12.28 -9.71
CA GLY B 71 -48.92 -13.26 -8.72
C GLY B 71 -49.54 -12.61 -7.49
N SER B 72 -50.32 -13.41 -6.77
CA SER B 72 -51.00 -12.92 -5.58
C SER B 72 -51.06 -14.04 -4.54
N GLY B 73 -51.10 -13.63 -3.27
CA GLY B 73 -51.21 -14.58 -2.18
C GLY B 73 -49.89 -15.15 -1.73
N ARG B 74 -49.62 -16.40 -2.08
CA ARG B 74 -48.40 -17.10 -1.70
C ARG B 74 -47.49 -17.41 -2.86
N ASP B 75 -48.04 -17.64 -4.05
CA ASP B 75 -47.26 -17.95 -5.24
C ASP B 75 -47.05 -16.69 -6.07
N PHE B 76 -45.85 -16.53 -6.60
CA PHE B 76 -45.48 -15.33 -7.33
C PHE B 76 -44.47 -15.70 -8.41
N THR B 77 -44.53 -15.01 -9.54
CA THR B 77 -43.69 -15.33 -10.69
C THR B 77 -43.10 -14.05 -11.26
N LEU B 78 -41.76 -13.99 -11.31
CA LEU B 78 -41.05 -12.95 -12.03
C LEU B 78 -40.77 -13.44 -13.45
N LYS B 79 -41.24 -12.69 -14.44
CA LYS B 79 -41.12 -13.07 -15.84
C LYS B 79 -40.27 -12.06 -16.58
N ILE B 80 -39.30 -12.55 -17.34
CA ILE B 80 -38.53 -11.75 -18.28
C ILE B 80 -38.90 -12.21 -19.68
N SER B 81 -39.49 -11.31 -20.47
CA SER B 81 -40.03 -11.68 -21.78
C SER B 81 -38.92 -11.98 -22.78
N ARG B 82 -37.88 -11.16 -22.82
CA ARG B 82 -36.76 -11.33 -23.75
C ARG B 82 -35.48 -11.17 -22.96
N VAL B 83 -34.85 -12.31 -22.62
CA VAL B 83 -33.61 -12.28 -21.87
C VAL B 83 -32.49 -11.74 -22.76
N GLU B 84 -31.59 -10.96 -22.18
CA GLU B 84 -30.45 -10.39 -22.87
C GLU B 84 -29.20 -10.65 -22.04
N ALA B 85 -28.04 -10.33 -22.63
CA ALA B 85 -26.77 -10.64 -21.99
C ALA B 85 -26.63 -9.91 -20.65
N GLN B 86 -27.17 -8.70 -20.55
CA GLN B 86 -27.04 -7.90 -19.34
C GLN B 86 -27.78 -8.51 -18.16
N ASP B 87 -28.77 -9.36 -18.41
CA ASP B 87 -29.64 -9.90 -17.36
C ASP B 87 -28.96 -10.95 -16.50
N VAL B 88 -27.67 -11.24 -16.70
CA VAL B 88 -26.99 -12.27 -15.93
C VAL B 88 -26.91 -11.87 -14.47
N GLY B 89 -26.91 -12.87 -13.60
CA GLY B 89 -26.85 -12.64 -12.17
C GLY B 89 -27.80 -13.55 -11.42
N THR B 90 -27.82 -13.41 -10.09
CA THR B 90 -28.72 -14.17 -9.25
C THR B 90 -29.88 -13.30 -8.77
N TYR B 91 -31.07 -13.88 -8.78
CA TYR B 91 -32.31 -13.16 -8.48
C TYR B 91 -32.87 -13.61 -7.13
N TYR B 92 -33.48 -12.67 -6.41
CA TYR B 92 -34.02 -12.94 -5.09
C TYR B 92 -35.44 -12.39 -4.99
N CYS B 93 -36.26 -13.03 -4.17
CA CYS B 93 -37.56 -12.50 -3.76
C CYS B 93 -37.54 -12.26 -2.26
N LEU B 94 -38.18 -11.18 -1.83
CA LEU B 94 -38.15 -10.76 -0.44
C LEU B 94 -39.56 -10.45 0.03
N GLN B 95 -39.89 -10.87 1.25
CA GLN B 95 -41.15 -10.52 1.87
C GLN B 95 -40.92 -9.38 2.85
N THR B 96 -41.81 -8.40 2.84
CA THR B 96 -41.76 -7.28 3.77
C THR B 96 -42.95 -7.28 4.71
N ARG B 97 -43.74 -8.36 4.73
CA ARG B 97 -45.02 -8.34 5.43
C ARG B 97 -44.84 -8.46 6.95
N GLN B 98 -44.15 -9.51 7.41
CA GLN B 98 -44.24 -9.93 8.82
C GLN B 98 -42.91 -9.84 9.57
N GLY B 99 -42.10 -8.83 9.27
CA GLY B 99 -41.00 -8.44 10.15
C GLY B 99 -39.85 -9.43 10.29
N ALA B 100 -39.92 -10.61 9.66
CA ALA B 100 -38.72 -11.41 9.55
C ALA B 100 -37.85 -10.89 8.42
N PHE B 101 -38.48 -10.33 7.40
CA PHE B 101 -37.82 -9.77 6.22
C PHE B 101 -36.85 -10.77 5.62
N THR B 102 -37.41 -11.89 5.18
CA THR B 102 -36.63 -13.02 4.70
C THR B 102 -36.56 -13.00 3.18
N PHE B 103 -35.37 -13.23 2.65
CA PHE B 103 -35.17 -13.32 1.22
C PHE B 103 -35.48 -14.73 0.72
N GLY B 104 -35.26 -14.94 -0.57
CA GLY B 104 -35.40 -16.25 -1.17
C GLY B 104 -34.05 -16.93 -1.35
N GLN B 105 -34.11 -18.17 -1.85
CA GLN B 105 -32.90 -18.97 -2.04
C GLN B 105 -31.92 -18.27 -2.97
N GLY B 106 -32.42 -17.66 -4.04
CA GLY B 106 -31.57 -17.20 -5.11
C GLY B 106 -31.79 -17.98 -6.38
N THR B 107 -31.48 -17.38 -7.53
CA THR B 107 -31.68 -18.05 -8.81
C THR B 107 -30.72 -17.46 -9.82
N LYS B 108 -29.79 -18.27 -10.32
CA LYS B 108 -28.84 -17.80 -11.32
C LYS B 108 -29.46 -17.84 -12.71
N LEU B 109 -29.41 -16.70 -13.39
CA LEU B 109 -29.76 -16.64 -14.80
C LEU B 109 -28.49 -16.72 -15.63
N GLU B 110 -28.47 -17.64 -16.58
CA GLU B 110 -27.34 -17.88 -17.46
C GLU B 110 -27.85 -17.83 -18.89
N ILE B 111 -27.04 -17.26 -19.78
CA ILE B 111 -27.43 -17.06 -21.17
C ILE B 111 -26.89 -18.20 -22.01
N LYS B 112 -27.79 -19.00 -22.56
CA LYS B 112 -27.44 -20.11 -23.45
C LYS B 112 -26.97 -19.55 -24.78
N ARG B 113 -25.66 -19.38 -24.94
CA ARG B 113 -25.11 -18.78 -26.14
C ARG B 113 -24.45 -19.83 -27.02
N THR B 114 -23.74 -19.34 -28.05
CA THR B 114 -23.05 -20.21 -29.00
C THR B 114 -21.87 -20.90 -28.33
N VAL B 115 -21.70 -22.19 -28.63
CA VAL B 115 -20.53 -22.92 -28.15
C VAL B 115 -19.27 -22.24 -28.65
N ALA B 116 -18.34 -21.95 -27.74
CA ALA B 116 -17.09 -21.29 -28.07
C ALA B 116 -15.93 -22.12 -27.55
N ALA B 117 -14.71 -21.69 -27.85
CA ALA B 117 -13.51 -22.44 -27.52
C ALA B 117 -12.53 -21.58 -26.74
N PRO B 118 -11.80 -22.16 -25.78
CA PRO B 118 -10.89 -21.35 -24.96
C PRO B 118 -9.65 -20.94 -25.73
N SER B 119 -9.27 -19.67 -25.60
CA SER B 119 -7.98 -19.19 -26.08
C SER B 119 -6.97 -19.44 -24.98
N VAL B 120 -6.20 -20.52 -25.11
CA VAL B 120 -5.32 -20.98 -24.05
C VAL B 120 -3.98 -20.26 -24.13
N PHE B 121 -3.57 -19.68 -23.00
CA PHE B 121 -2.27 -19.05 -22.86
C PHE B 121 -1.62 -19.64 -21.61
N ILE B 122 -0.29 -19.71 -21.63
CA ILE B 122 0.45 -20.24 -20.48
C ILE B 122 1.57 -19.28 -20.12
N PHE B 123 1.70 -18.97 -18.83
CA PHE B 123 2.68 -18.01 -18.34
C PHE B 123 3.71 -18.72 -17.47
N PRO B 124 5.00 -18.64 -17.80
CA PRO B 124 6.03 -19.19 -16.93
C PRO B 124 6.20 -18.36 -15.68
N PRO B 125 6.89 -18.89 -14.65
CA PRO B 125 7.01 -18.15 -13.40
C PRO B 125 7.88 -16.91 -13.53
N SER B 126 7.64 -15.96 -12.63
CA SER B 126 8.41 -14.74 -12.61
C SER B 126 9.82 -14.98 -12.08
N ASP B 127 10.76 -14.16 -12.55
CA ASP B 127 12.12 -14.22 -12.01
C ASP B 127 12.11 -13.85 -10.53
N SER B 128 11.28 -12.89 -10.14
CA SER B 128 11.21 -12.48 -8.74
C SER B 128 10.70 -13.60 -7.85
N GLN B 129 9.71 -14.37 -8.33
CA GLN B 129 9.16 -15.45 -7.52
C GLN B 129 10.20 -16.53 -7.27
N LEU B 130 10.97 -16.90 -8.30
CA LEU B 130 12.03 -17.88 -8.11
C LEU B 130 13.00 -17.43 -7.02
N LYS B 131 13.35 -16.14 -7.02
CA LYS B 131 14.17 -15.60 -5.94
C LYS B 131 13.47 -15.75 -4.60
N SER B 132 12.14 -15.64 -4.59
CA SER B 132 11.37 -15.79 -3.36
C SER B 132 11.33 -17.23 -2.85
N GLY B 133 11.74 -18.20 -3.66
CA GLY B 133 11.77 -19.58 -3.24
C GLY B 133 10.59 -20.42 -3.69
N THR B 134 9.63 -19.85 -4.41
CA THR B 134 8.51 -20.58 -4.94
C THR B 134 8.40 -20.31 -6.43
N ALA B 135 7.71 -21.21 -7.13
CA ALA B 135 7.49 -21.08 -8.56
C ALA B 135 6.02 -21.36 -8.88
N SER B 136 5.40 -20.45 -9.61
CA SER B 136 3.99 -20.57 -9.97
C SER B 136 3.84 -20.43 -11.48
N VAL B 137 3.30 -21.47 -12.12
CA VAL B 137 2.99 -21.44 -13.54
C VAL B 137 1.49 -21.27 -13.70
N VAL B 138 1.08 -20.32 -14.54
CA VAL B 138 -0.32 -19.98 -14.73
C VAL B 138 -0.76 -20.46 -16.11
N CYS B 139 -1.98 -21.00 -16.17
CA CYS B 139 -2.64 -21.30 -17.43
C CYS B 139 -3.93 -20.48 -17.51
N LEU B 140 -4.19 -19.92 -18.68
CA LEU B 140 -5.33 -19.02 -18.88
C LEU B 140 -6.24 -19.59 -19.96
N LEU B 141 -7.52 -19.67 -19.65
CA LEU B 141 -8.56 -20.05 -20.61
C LEU B 141 -9.49 -18.85 -20.74
N ASN B 142 -9.58 -18.27 -21.93
CA ASN B 142 -10.25 -16.98 -22.12
C ASN B 142 -11.44 -17.12 -23.04
N ASN B 143 -12.58 -16.59 -22.60
CA ASN B 143 -13.78 -16.40 -23.42
C ASN B 143 -14.22 -17.71 -24.08
N PHE B 144 -14.76 -18.59 -23.25
CA PHE B 144 -15.30 -19.87 -23.69
C PHE B 144 -16.70 -20.06 -23.14
N TYR B 145 -17.40 -21.04 -23.71
CA TYR B 145 -18.73 -21.43 -23.30
C TYR B 145 -18.88 -22.87 -23.80
N PRO B 146 -19.48 -23.77 -23.02
CA PRO B 146 -20.01 -23.59 -21.66
C PRO B 146 -18.94 -23.41 -20.58
N ARG B 147 -19.39 -23.29 -19.34
CA ARG B 147 -18.47 -23.13 -18.21
C ARG B 147 -17.62 -24.37 -18.01
N GLU B 148 -18.20 -25.55 -18.23
CA GLU B 148 -17.53 -26.81 -17.92
C GLU B 148 -16.25 -26.98 -18.73
N ALA B 149 -15.13 -27.14 -18.04
CA ALA B 149 -13.84 -27.33 -18.68
C ALA B 149 -12.95 -28.15 -17.77
N LYS B 150 -11.90 -28.72 -18.37
CA LYS B 150 -10.91 -29.52 -17.65
C LYS B 150 -9.52 -28.96 -17.96
N VAL B 151 -8.75 -28.68 -16.92
CA VAL B 151 -7.41 -28.12 -17.05
C VAL B 151 -6.48 -29.00 -16.21
N GLN B 152 -5.79 -29.92 -16.86
CA GLN B 152 -4.85 -30.81 -16.19
C GLN B 152 -3.42 -30.33 -16.43
N TRP B 153 -2.60 -30.43 -15.39
CA TRP B 153 -1.20 -30.02 -15.45
C TRP B 153 -0.33 -31.26 -15.62
N LYS B 154 0.62 -31.19 -16.55
CA LYS B 154 1.55 -32.29 -16.81
C LYS B 154 2.96 -31.74 -16.82
N VAL B 155 3.78 -32.19 -15.89
CA VAL B 155 5.20 -31.85 -15.85
C VAL B 155 5.97 -33.07 -16.34
N ASP B 156 6.80 -32.87 -17.36
CA ASP B 156 7.55 -33.95 -18.01
C ASP B 156 6.63 -35.13 -18.34
N ASN B 157 5.47 -34.82 -18.92
CA ASN B 157 4.45 -35.79 -19.30
C ASN B 157 3.94 -36.60 -18.11
N ALA B 158 4.10 -36.10 -16.90
CA ALA B 158 3.59 -36.75 -15.70
C ALA B 158 2.49 -35.87 -15.12
N LEU B 159 1.25 -36.37 -15.16
CA LEU B 159 0.13 -35.66 -14.58
C LEU B 159 0.39 -35.34 -13.12
N GLN B 160 0.06 -34.12 -12.72
CA GLN B 160 0.33 -33.63 -11.37
C GLN B 160 -0.99 -33.23 -10.71
N SER B 161 -1.22 -33.73 -9.51
CA SER B 161 -2.45 -33.51 -8.76
C SER B 161 -2.12 -32.94 -7.38
N GLY B 162 -2.92 -31.97 -6.96
CA GLY B 162 -2.78 -31.39 -5.63
C GLY B 162 -1.91 -30.16 -5.54
N ASN B 163 -1.32 -29.71 -6.65
CA ASN B 163 -0.43 -28.55 -6.64
C ASN B 163 -1.02 -27.37 -7.39
N SER B 164 -2.30 -27.42 -7.75
CA SER B 164 -2.93 -26.38 -8.56
C SER B 164 -4.26 -25.98 -7.94
N GLN B 165 -4.61 -24.71 -8.14
CA GLN B 165 -5.90 -24.16 -7.75
C GLN B 165 -6.43 -23.32 -8.91
N GLU B 166 -7.71 -23.47 -9.22
CA GLU B 166 -8.29 -22.82 -10.37
C GLU B 166 -9.44 -21.89 -9.94
N SER B 167 -9.71 -20.90 -10.79
CA SER B 167 -10.73 -19.90 -10.54
C SER B 167 -11.40 -19.54 -11.85
N VAL B 168 -12.73 -19.41 -11.81
CA VAL B 168 -13.53 -19.16 -13.00
C VAL B 168 -14.33 -17.87 -12.80
N THR B 169 -14.17 -16.93 -13.72
CA THR B 169 -15.02 -15.74 -13.72
C THR B 169 -16.46 -16.11 -13.98
N GLU B 170 -17.36 -15.18 -13.67
CA GLU B 170 -18.76 -15.38 -14.00
C GLU B 170 -19.01 -14.99 -15.45
N GLN B 171 -20.24 -15.18 -15.91
CA GLN B 171 -20.59 -14.91 -17.29
C GLN B 171 -20.46 -13.43 -17.60
N ASP B 172 -19.74 -13.11 -18.68
CA ASP B 172 -19.60 -11.72 -19.10
C ASP B 172 -20.96 -11.14 -19.48
N SER B 173 -21.31 -10.01 -18.89
CA SER B 173 -22.59 -9.37 -19.15
C SER B 173 -22.72 -8.85 -20.58
N LYS B 174 -21.70 -9.05 -21.42
CA LYS B 174 -21.72 -8.59 -22.80
C LYS B 174 -21.76 -9.75 -23.79
N ASP B 175 -20.77 -10.64 -23.72
CA ASP B 175 -20.66 -11.76 -24.64
C ASP B 175 -20.99 -13.10 -24.01
N SER B 176 -21.32 -13.13 -22.72
CA SER B 176 -21.74 -14.35 -22.02
C SER B 176 -20.67 -15.44 -22.06
N THR B 177 -19.40 -15.05 -22.07
CA THR B 177 -18.30 -16.00 -22.02
C THR B 177 -17.72 -16.10 -20.62
N TYR B 178 -16.94 -17.15 -20.41
CA TYR B 178 -16.28 -17.40 -19.13
C TYR B 178 -14.78 -17.28 -19.34
N SER B 179 -14.03 -17.23 -18.24
CA SER B 179 -12.58 -17.31 -18.28
C SER B 179 -12.08 -18.06 -17.06
N LEU B 180 -11.00 -18.80 -17.24
CA LEU B 180 -10.46 -19.68 -16.22
C LEU B 180 -8.98 -19.41 -16.03
N SER B 181 -8.53 -19.47 -14.77
CA SER B 181 -7.14 -19.26 -14.42
C SER B 181 -6.70 -20.35 -13.45
N SER B 182 -5.75 -21.17 -13.87
CA SER B 182 -5.20 -22.24 -13.04
C SER B 182 -3.74 -21.95 -12.75
N THR B 183 -3.33 -22.16 -11.51
CA THR B 183 -1.99 -21.81 -11.05
C THR B 183 -1.34 -23.04 -10.42
N LEU B 184 -0.37 -23.63 -11.12
CA LEU B 184 0.45 -24.69 -10.56
C LEU B 184 1.58 -24.05 -9.75
N THR B 185 1.65 -24.38 -8.46
CA THR B 185 2.66 -23.84 -7.56
C THR B 185 3.49 -24.98 -6.98
N LEU B 186 4.79 -24.75 -6.86
CA LEU B 186 5.71 -25.71 -6.30
C LEU B 186 7.01 -25.00 -5.96
N SER B 187 7.92 -25.73 -5.32
CA SER B 187 9.15 -25.15 -4.78
C SER B 187 10.07 -24.67 -5.90
N LYS B 188 11.03 -23.83 -5.54
CA LYS B 188 12.05 -23.41 -6.48
C LYS B 188 12.90 -24.59 -6.91
N ALA B 189 13.34 -25.40 -5.94
CA ALA B 189 14.13 -26.59 -6.27
C ALA B 189 13.33 -27.57 -7.10
N ASP B 190 12.07 -27.80 -6.73
CA ASP B 190 11.21 -28.71 -7.50
C ASP B 190 11.00 -28.18 -8.92
N TYR B 191 11.08 -26.87 -9.12
CA TYR B 191 10.96 -26.32 -10.46
C TYR B 191 12.24 -26.49 -11.26
N GLU B 192 13.40 -26.50 -10.60
CA GLU B 192 14.64 -26.82 -11.27
C GLU B 192 14.74 -28.30 -11.65
N LYS B 193 14.00 -29.16 -10.95
CA LYS B 193 14.16 -30.61 -11.14
C LYS B 193 13.57 -31.07 -12.46
N HIS B 194 12.45 -30.51 -12.88
CA HIS B 194 11.76 -30.92 -14.09
C HIS B 194 11.98 -29.90 -15.21
N LYS B 195 11.68 -30.34 -16.44
CA LYS B 195 12.02 -29.57 -17.63
C LYS B 195 10.81 -28.86 -18.23
N VAL B 196 9.86 -29.63 -18.76
CA VAL B 196 8.72 -29.08 -19.49
C VAL B 196 7.49 -29.08 -18.59
N TYR B 197 6.74 -27.98 -18.63
CA TYR B 197 5.51 -27.81 -17.87
C TYR B 197 4.40 -27.45 -18.84
N ALA B 198 3.39 -28.31 -18.93
CA ALA B 198 2.32 -28.17 -19.92
C ALA B 198 0.96 -28.09 -19.25
N CYS B 199 0.05 -27.35 -19.89
CA CYS B 199 -1.33 -27.20 -19.43
C CYS B 199 -2.26 -27.77 -20.49
N GLU B 200 -2.88 -28.90 -20.19
CA GLU B 200 -3.74 -29.61 -21.12
C GLU B 200 -5.19 -29.20 -20.87
N VAL B 201 -5.84 -28.64 -21.89
CA VAL B 201 -7.17 -28.06 -21.77
C VAL B 201 -8.16 -28.93 -22.53
N THR B 202 -9.26 -29.27 -21.88
CA THR B 202 -10.35 -30.03 -22.49
C THR B 202 -11.63 -29.20 -22.45
N HIS B 203 -12.28 -29.06 -23.60
CA HIS B 203 -13.50 -28.28 -23.70
C HIS B 203 -14.38 -28.86 -24.80
N GLN B 204 -15.69 -28.58 -24.70
CA GLN B 204 -16.64 -29.06 -25.68
C GLN B 204 -16.36 -28.48 -27.06
N GLY B 205 -16.12 -27.17 -27.13
CA GLY B 205 -15.88 -26.51 -28.40
C GLY B 205 -14.64 -26.98 -29.13
N LEU B 206 -13.68 -27.55 -28.41
CA LEU B 206 -12.48 -28.07 -29.04
C LEU B 206 -12.73 -29.46 -29.62
N SER B 207 -12.03 -29.74 -30.73
CA SER B 207 -12.09 -31.08 -31.31
C SER B 207 -11.37 -32.09 -30.43
N SER B 208 -10.15 -31.75 -30.02
CA SER B 208 -9.32 -32.57 -29.15
C SER B 208 -8.69 -31.68 -28.08
N PRO B 209 -8.26 -32.27 -26.97
CA PRO B 209 -7.52 -31.51 -25.96
C PRO B 209 -6.41 -30.67 -26.58
N VAL B 210 -6.30 -29.43 -26.11
CA VAL B 210 -5.26 -28.49 -26.56
C VAL B 210 -4.24 -28.36 -25.44
N THR B 211 -2.97 -28.52 -25.78
CA THR B 211 -1.89 -28.43 -24.80
C THR B 211 -0.94 -27.30 -25.18
N LYS B 212 -0.52 -26.54 -24.16
CA LYS B 212 0.47 -25.48 -24.30
C LYS B 212 1.58 -25.75 -23.32
N SER B 213 2.82 -25.46 -23.72
CA SER B 213 3.97 -25.83 -22.88
C SER B 213 5.11 -24.83 -23.02
N PHE B 214 5.82 -24.61 -21.92
CA PHE B 214 7.13 -23.98 -21.92
C PHE B 214 8.13 -24.98 -21.36
N ASN B 215 9.38 -24.90 -21.83
CA ASN B 215 10.33 -25.97 -21.62
C ASN B 215 11.52 -25.62 -20.73
N ARG B 216 11.64 -24.37 -20.29
CA ARG B 216 12.71 -24.04 -19.35
C ARG B 216 12.34 -24.54 -17.95
N GLY B 217 13.35 -24.97 -17.21
CA GLY B 217 13.15 -25.52 -15.88
C GLY B 217 14.45 -25.95 -15.21
N GLN C 1 27.39 -2.51 14.63
CA GLN C 1 26.91 -2.44 16.00
C GLN C 1 27.68 -1.41 16.82
N VAL C 2 28.78 -0.91 16.25
CA VAL C 2 29.50 0.18 16.88
C VAL C 2 28.61 1.41 16.88
N GLN C 3 28.41 1.99 18.06
CA GLN C 3 27.50 3.11 18.23
C GLN C 3 28.19 4.25 18.96
N LEU C 4 27.92 5.47 18.52
CA LEU C 4 28.51 6.68 19.10
C LEU C 4 27.37 7.56 19.59
N GLN C 5 27.26 7.72 20.91
CA GLN C 5 26.22 8.52 21.53
C GLN C 5 26.79 9.85 22.02
N GLN C 6 26.01 10.90 21.89
CA GLN C 6 26.45 12.26 22.20
C GLN C 6 25.57 12.89 23.27
N TRP C 7 26.20 13.73 24.09
CA TRP C 7 25.50 14.58 25.04
C TRP C 7 26.37 15.80 25.32
N GLY C 8 25.75 16.83 25.87
CA GLY C 8 26.50 18.03 26.23
C GLY C 8 25.57 19.22 26.34
N THR C 9 26.17 20.41 26.19
CA THR C 9 25.44 21.65 26.37
C THR C 9 24.55 21.92 25.17
N GLY C 10 23.27 22.16 25.42
CA GLY C 10 22.31 22.41 24.36
C GLY C 10 22.04 23.88 24.13
N LEU C 11 22.16 24.68 25.18
CA LEU C 11 21.95 26.12 25.11
C LEU C 11 23.10 26.80 25.85
N LEU C 12 23.65 27.85 25.23
CA LEU C 12 24.74 28.60 25.82
C LEU C 12 24.50 30.10 25.67
N LYS C 13 24.90 30.84 26.68
CA LYS C 13 24.97 32.28 26.54
C LYS C 13 26.29 32.65 25.87
N PRO C 14 26.33 33.77 25.13
CA PRO C 14 27.58 34.21 24.53
C PRO C 14 28.69 34.32 25.57
N SER C 15 29.90 33.94 25.16
CA SER C 15 31.11 33.89 25.97
C SER C 15 31.14 32.74 26.97
N GLU C 16 30.21 31.79 26.86
CA GLU C 16 30.24 30.61 27.71
C GLU C 16 31.10 29.54 27.05
N THR C 17 31.10 28.32 27.60
CA THR C 17 32.01 27.27 27.16
C THR C 17 31.20 26.06 26.70
N LEU C 18 31.48 25.61 25.47
CA LEU C 18 30.80 24.46 24.89
C LEU C 18 31.46 23.17 25.37
N SER C 19 30.67 22.30 25.99
CA SER C 19 31.14 20.99 26.42
C SER C 19 30.26 19.92 25.78
N LEU C 20 30.88 19.07 24.96
CA LEU C 20 30.19 17.93 24.34
C LEU C 20 31.02 16.68 24.57
N THR C 21 30.34 15.57 24.86
CA THR C 21 31.01 14.30 25.15
C THR C 21 30.37 13.20 24.30
N CYS C 22 31.20 12.27 23.83
CA CYS C 22 30.77 11.23 22.92
C CYS C 22 31.16 9.87 23.50
N ALA C 23 30.21 8.95 23.55
CA ALA C 23 30.42 7.65 24.17
C ALA C 23 30.45 6.57 23.10
N VAL C 24 31.55 5.85 23.01
CA VAL C 24 31.71 4.78 22.02
C VAL C 24 31.24 3.46 22.64
N TYR C 25 30.25 2.85 22.00
CA TYR C 25 29.74 1.54 22.39
C TYR C 25 30.06 0.56 21.29
N GLY C 26 30.64 -0.59 21.66
CA GLY C 26 30.90 -1.65 20.72
C GLY C 26 32.32 -1.76 20.20
N VAL C 27 33.22 -0.89 20.63
CA VAL C 27 34.63 -0.98 20.24
C VAL C 27 35.44 -0.06 21.13
N SER C 28 36.74 -0.34 21.25
CA SER C 28 37.65 0.53 21.98
C SER C 28 37.97 1.77 21.14
N LEU C 29 38.69 2.70 21.75
CA LEU C 29 39.05 3.94 21.07
C LEU C 29 40.36 3.85 20.30
N ARG C 30 41.19 2.84 20.53
CA ARG C 30 42.44 2.73 19.78
C ARG C 30 42.22 1.92 18.51
N GLY C 31 43.05 2.20 17.52
CA GLY C 31 42.83 1.74 16.17
C GLY C 31 42.07 2.70 15.29
N TYR C 32 41.60 3.81 15.85
CA TYR C 32 40.78 4.77 15.12
C TYR C 32 41.23 6.18 15.45
N TYR C 33 40.63 7.14 14.75
CA TYR C 33 40.71 8.56 15.08
C TYR C 33 39.31 9.05 15.38
N TRP C 34 39.20 10.11 16.19
CA TRP C 34 37.91 10.58 16.65
C TRP C 34 37.79 12.08 16.40
N THR C 35 36.75 12.46 15.66
CA THR C 35 36.55 13.84 15.22
C THR C 35 35.28 14.45 15.78
N TRP C 36 35.22 15.78 15.67
CA TRP C 36 34.03 16.57 15.92
C TRP C 36 33.76 17.40 14.67
N ILE C 37 32.56 17.23 14.10
CA ILE C 37 32.16 17.93 12.90
C ILE C 37 30.85 18.66 13.18
N ARG C 38 30.78 19.93 12.82
CA ARG C 38 29.60 20.75 13.05
C ARG C 38 29.02 21.23 11.73
N GLN C 39 27.71 21.47 11.73
CA GLN C 39 26.98 21.85 10.53
C GLN C 39 26.10 23.04 10.82
N SER C 40 26.28 24.12 10.05
CA SER C 40 25.48 25.31 10.21
C SER C 40 25.29 25.91 8.83
N PRO C 41 24.16 26.60 8.58
CA PRO C 41 24.00 27.31 7.30
C PRO C 41 25.17 28.20 7.01
N LYS C 42 25.97 28.44 8.04
CA LYS C 42 26.81 29.60 8.14
C LYS C 42 28.29 29.24 8.00
N LYS C 43 28.72 28.17 8.65
CA LYS C 43 30.06 27.62 8.46
C LYS C 43 30.04 26.40 7.53
N GLY C 44 28.85 25.95 7.14
CA GLY C 44 28.75 24.76 6.31
C GLY C 44 29.05 23.51 7.12
N LEU C 45 29.85 22.64 6.51
CA LEU C 45 30.34 21.45 7.18
C LEU C 45 31.78 21.75 7.62
N GLU C 46 31.96 22.02 8.92
CA GLU C 46 33.25 22.41 9.46
C GLU C 46 33.83 21.29 10.29
N TRP C 47 35.09 20.95 10.02
CA TRP C 47 35.84 19.97 10.81
C TRP C 47 36.56 20.69 11.94
N ILE C 48 36.19 20.37 13.18
CA ILE C 48 36.76 21.08 14.32
C ILE C 48 38.16 20.54 14.65
N GLY C 49 38.27 19.24 14.90
CA GLY C 49 39.55 18.65 15.21
C GLY C 49 39.40 17.15 15.39
N GLU C 50 40.54 16.50 15.62
CA GLU C 50 40.57 15.06 15.83
C GLU C 50 41.58 14.70 16.90
N ILE C 51 41.45 13.49 17.44
CA ILE C 51 42.32 13.00 18.49
C ILE C 51 42.50 11.50 18.32
N ASP C 52 43.64 11.00 18.78
CA ASP C 52 43.88 9.57 18.90
C ASP C 52 43.90 9.22 20.39
N GLU C 53 43.90 7.91 20.66
CA GLU C 53 43.81 7.44 22.04
C GLU C 53 45.03 7.82 22.86
N ILE C 54 46.22 7.87 22.24
CA ILE C 54 47.41 8.26 22.97
C ILE C 54 47.28 9.70 23.48
N GLY C 55 46.50 10.52 22.79
CA GLY C 55 46.20 11.86 23.25
C GLY C 55 46.59 12.97 22.30
N ARG C 56 47.32 12.68 21.22
CA ARG C 56 47.74 13.73 20.31
C ARG C 56 46.54 14.27 19.53
N THR C 57 46.54 15.58 19.32
CA THR C 57 45.41 16.27 18.71
C THR C 57 45.87 17.07 17.50
N LYS C 58 44.92 17.31 16.59
CA LYS C 58 45.08 18.30 15.54
C LYS C 58 43.76 19.05 15.40
N TYR C 59 43.83 20.38 15.44
CA TYR C 59 42.65 21.23 15.39
C TYR C 59 42.63 22.04 14.10
N SER C 60 41.54 22.77 13.92
CA SER C 60 41.47 23.79 12.87
C SER C 60 42.10 25.08 13.39
N GLN C 61 42.84 25.76 12.51
CA GLN C 61 43.50 26.99 12.91
C GLN C 61 42.51 28.06 13.33
N SER C 62 41.33 28.07 12.73
CA SER C 62 40.32 29.07 13.09
C SER C 62 39.74 28.80 14.47
N LEU C 63 39.74 27.55 14.92
CA LEU C 63 39.09 27.17 16.16
C LEU C 63 40.08 26.71 17.23
N ARG C 64 41.38 26.67 16.93
CA ARG C 64 42.34 26.01 17.82
C ARG C 64 42.42 26.68 19.19
N SER C 65 42.56 28.00 19.22
CA SER C 65 42.79 28.71 20.47
C SER C 65 41.65 28.49 21.47
N ARG C 66 40.42 28.35 20.98
CA ARG C 66 39.27 28.15 21.83
C ARG C 66 38.91 26.70 22.02
N ALA C 67 39.56 25.78 21.30
CA ALA C 67 39.19 24.38 21.33
C ALA C 67 40.19 23.57 22.14
N THR C 68 39.68 22.56 22.85
CA THR C 68 40.50 21.60 23.56
C THR C 68 39.86 20.24 23.42
N LEU C 69 40.58 19.30 22.80
CA LEU C 69 40.09 17.95 22.62
C LEU C 69 40.70 17.03 23.68
N SER C 70 39.93 16.01 24.06
CA SER C 70 40.35 15.12 25.13
C SER C 70 39.68 13.77 24.95
N ILE C 71 40.25 12.76 25.61
CA ILE C 71 39.78 11.39 25.49
C ILE C 71 39.95 10.70 26.84
N ASP C 72 38.89 10.05 27.33
CA ASP C 72 38.94 9.21 28.51
C ASP C 72 38.82 7.76 28.05
N THR C 73 39.92 7.02 28.17
CA THR C 73 39.95 5.66 27.65
C THR C 73 39.22 4.68 28.55
N SER C 74 39.15 4.96 29.85
CA SER C 74 38.51 4.03 30.78
C SER C 74 37.02 3.93 30.53
N LYS C 75 36.35 5.06 30.32
CA LYS C 75 34.92 5.08 30.04
C LYS C 75 34.61 5.04 28.55
N LYS C 76 35.64 4.93 27.70
CA LYS C 76 35.49 4.89 26.25
C LYS C 76 34.71 6.11 25.76
N GLN C 77 35.28 7.29 26.03
CA GLN C 77 34.64 8.55 25.71
C GLN C 77 35.68 9.55 25.21
N PHE C 78 35.21 10.56 24.49
CA PHE C 78 36.02 11.70 24.11
C PHE C 78 35.14 12.94 24.14
N SER C 79 35.76 14.08 24.43
CA SER C 79 35.00 15.31 24.69
C SER C 79 35.67 16.50 24.01
N LEU C 80 34.92 17.59 23.92
CA LEU C 80 35.35 18.82 23.27
C LEU C 80 34.96 20.00 24.12
N ARG C 81 35.85 20.99 24.22
CA ARG C 81 35.57 22.22 24.95
C ARG C 81 35.84 23.41 24.06
N LEU C 82 34.85 24.29 23.90
CA LEU C 82 34.95 25.49 23.08
C LEU C 82 34.70 26.71 23.94
N THR C 83 35.74 27.51 24.16
CA THR C 83 35.61 28.72 24.95
C THR C 83 35.07 29.87 24.10
N SER C 84 34.44 30.83 24.78
CA SER C 84 34.02 32.09 24.17
C SER C 84 33.10 31.85 22.98
N VAL C 85 32.09 31.00 23.19
CA VAL C 85 31.16 30.70 22.11
C VAL C 85 30.39 31.96 21.72
N THR C 86 30.24 32.15 20.41
CA THR C 86 29.44 33.22 19.85
C THR C 86 28.27 32.61 19.09
N ALA C 87 27.45 33.49 18.48
CA ALA C 87 26.32 33.02 17.69
C ALA C 87 26.77 32.21 16.48
N ALA C 88 28.02 32.35 16.07
CA ALA C 88 28.51 31.60 14.93
C ALA C 88 28.56 30.10 15.24
N ASP C 89 28.91 29.75 16.48
CA ASP C 89 29.05 28.35 16.85
C ASP C 89 27.71 27.63 17.00
N MET C 90 26.60 28.35 16.95
CA MET C 90 25.28 27.71 16.97
C MET C 90 25.13 26.81 15.76
N ALA C 91 25.08 25.50 15.98
CA ALA C 91 25.09 24.52 14.90
C ALA C 91 24.75 23.16 15.47
N THR C 92 24.61 22.19 14.56
CA THR C 92 24.47 20.79 14.94
C THR C 92 25.84 20.14 14.94
N TYR C 93 26.20 19.51 16.07
CA TYR C 93 27.52 18.93 16.25
C TYR C 93 27.45 17.41 16.16
N TYR C 94 28.50 16.81 15.60
CA TYR C 94 28.59 15.37 15.45
C TYR C 94 29.96 14.90 15.91
N CYS C 95 30.00 13.73 16.54
CA CYS C 95 31.25 13.01 16.73
C CYS C 95 31.29 11.84 15.76
N ALA C 96 32.49 11.53 15.25
CA ALA C 96 32.63 10.54 14.19
C ALA C 96 33.87 9.69 14.43
N ARG C 97 33.84 8.48 13.86
CA ARG C 97 34.94 7.52 13.95
C ARG C 97 35.68 7.52 12.63
N TRP C 98 36.93 7.97 12.63
CA TRP C 98 37.77 7.84 11.45
C TRP C 98 38.26 6.40 11.34
N ARG C 99 38.33 5.89 10.11
CA ARG C 99 38.92 4.59 9.84
C ARG C 99 40.24 4.78 9.12
N LEU C 100 41.28 4.09 9.59
CA LEU C 100 42.65 4.43 9.24
C LEU C 100 43.40 3.20 8.74
N MET C 101 44.38 3.44 7.89
CA MET C 101 45.23 2.40 7.32
C MET C 101 46.63 2.96 7.16
N MET C 102 47.63 2.16 7.53
CA MET C 102 49.02 2.54 7.38
C MET C 102 49.67 1.67 6.32
N VAL C 103 50.16 2.29 5.25
CA VAL C 103 50.92 1.61 4.23
C VAL C 103 52.34 2.18 4.17
N ASP C 104 52.48 3.42 3.74
CA ASP C 104 53.70 4.21 3.86
C ASP C 104 53.48 5.46 4.70
N GLU C 105 52.33 6.10 4.56
CA GLU C 105 51.85 7.15 5.44
C GLU C 105 50.43 6.81 5.86
N VAL C 106 49.91 7.57 6.83
CA VAL C 106 48.56 7.32 7.30
C VAL C 106 47.57 7.61 6.19
N THR C 107 46.68 6.64 5.93
CA THR C 107 45.67 6.74 4.89
C THR C 107 44.30 6.55 5.51
N ARG C 108 43.38 7.47 5.21
CA ARG C 108 42.07 7.50 5.84
C ARG C 108 41.03 6.83 4.94
N HIS C 109 40.15 6.04 5.57
CA HIS C 109 39.09 5.31 4.88
C HIS C 109 37.70 5.87 5.17
N GLY C 110 37.60 7.08 5.71
CA GLY C 110 36.32 7.71 5.92
C GLY C 110 35.80 7.52 7.34
N MET C 111 34.78 8.32 7.66
CA MET C 111 34.11 8.30 8.96
C MET C 111 32.85 7.43 8.84
N ASP C 112 32.97 6.17 9.26
CA ASP C 112 31.87 5.22 9.06
C ASP C 112 30.77 5.38 10.10
N VAL C 113 31.13 5.76 11.33
CA VAL C 113 30.17 5.88 12.43
C VAL C 113 30.07 7.34 12.83
N TRP C 114 28.86 7.88 12.84
CA TRP C 114 28.59 9.26 13.19
C TRP C 114 27.62 9.31 14.37
N SER C 115 27.80 10.30 15.24
CA SER C 115 26.80 10.55 16.27
C SER C 115 25.51 11.02 15.64
N GLN C 116 24.41 10.81 16.38
CA GLN C 116 23.11 11.30 15.91
C GLN C 116 23.10 12.81 15.77
N GLY C 117 23.90 13.51 16.58
CA GLY C 117 24.02 14.95 16.44
C GLY C 117 23.15 15.73 17.39
N THR C 118 23.76 16.59 18.21
CA THR C 118 23.05 17.44 19.14
C THR C 118 23.14 18.88 18.66
N MET C 119 21.98 19.56 18.64
CA MET C 119 21.96 20.98 18.31
C MET C 119 22.47 21.80 19.48
N VAL C 120 23.24 22.84 19.16
CA VAL C 120 23.78 23.77 20.15
C VAL C 120 23.32 25.16 19.77
N THR C 121 22.54 25.79 20.64
CA THR C 121 21.98 27.11 20.41
C THR C 121 22.70 28.12 21.29
N VAL C 122 23.30 29.12 20.66
CA VAL C 122 23.93 30.23 21.37
C VAL C 122 22.98 31.41 21.33
N SER C 123 22.45 31.77 22.50
CA SER C 123 21.51 32.87 22.61
C SER C 123 21.43 33.29 24.08
N SER C 124 20.87 34.47 24.31
CA SER C 124 20.67 35.00 25.65
C SER C 124 19.25 34.77 26.16
N ALA C 125 18.37 34.20 25.34
CA ALA C 125 16.98 34.03 25.74
C ALA C 125 16.84 32.96 26.82
N SER C 126 15.85 33.15 27.69
CA SER C 126 15.57 32.21 28.75
C SER C 126 14.84 30.98 28.20
N THR C 127 15.03 29.85 28.87
CA THR C 127 14.36 28.62 28.47
C THR C 127 12.86 28.72 28.76
N LYS C 128 12.04 28.55 27.74
CA LYS C 128 10.59 28.56 27.88
C LYS C 128 10.03 27.17 27.59
N GLY C 129 9.06 26.76 28.38
CA GLY C 129 8.45 25.46 28.24
C GLY C 129 7.40 25.41 27.14
N PRO C 130 7.09 24.21 26.65
CA PRO C 130 6.08 24.00 25.61
C PRO C 130 4.69 23.77 26.18
N CYS C 151 -1.27 16.56 17.56
CA CYS C 151 -0.73 17.31 18.70
C CYS C 151 -0.05 18.59 18.23
N LEU C 152 0.01 19.59 19.11
CA LEU C 152 0.61 20.88 18.79
C LEU C 152 1.50 21.31 19.95
N VAL C 153 2.70 21.77 19.63
CA VAL C 153 3.68 22.23 20.61
C VAL C 153 3.73 23.75 20.53
N LYS C 154 3.80 24.40 21.70
CA LYS C 154 3.59 25.85 21.79
C LYS C 154 4.75 26.54 22.48
N ASP C 155 5.39 27.46 21.78
CA ASP C 155 6.27 28.49 22.35
C ASP C 155 7.36 27.88 23.23
N TYR C 156 8.27 27.17 22.57
CA TYR C 156 9.43 26.57 23.24
C TYR C 156 10.69 27.11 22.59
N PHE C 157 11.61 27.64 23.41
CA PHE C 157 12.80 28.27 22.87
C PHE C 157 13.89 27.28 22.47
N PRO C 158 14.35 26.40 23.36
CA PRO C 158 15.43 25.48 22.94
C PRO C 158 14.94 24.52 21.87
N GLU C 159 15.52 24.65 20.68
CA GLU C 159 14.99 23.93 19.51
C GLU C 159 14.92 22.41 19.68
N PRO C 160 15.91 21.71 20.29
CA PRO C 160 15.78 20.25 20.45
C PRO C 160 14.49 19.81 21.12
N VAL C 161 13.63 19.15 20.36
CA VAL C 161 12.38 18.59 20.86
C VAL C 161 12.13 17.26 20.17
N THR C 162 11.51 16.34 20.89
CA THR C 162 11.29 14.98 20.41
C THR C 162 9.83 14.60 20.62
N VAL C 163 9.16 14.20 19.55
CA VAL C 163 7.76 13.83 19.58
C VAL C 163 7.62 12.38 19.13
N SER C 164 6.84 11.60 19.87
CA SER C 164 6.59 10.20 19.53
C SER C 164 5.10 9.93 19.62
N TRP C 165 4.69 8.76 19.13
CA TRP C 165 3.30 8.35 19.16
C TRP C 165 3.17 6.91 19.66
N SER C 172 3.10 4.43 11.75
CA SER C 172 2.49 4.34 10.43
C SER C 172 1.91 5.69 10.00
N GLY C 173 2.54 6.32 9.02
CA GLY C 173 2.08 7.60 8.52
C GLY C 173 2.26 8.74 9.50
N VAL C 174 3.27 8.66 10.37
CA VAL C 174 3.53 9.70 11.36
C VAL C 174 4.45 10.74 10.72
N HIS C 175 3.91 11.93 10.47
CA HIS C 175 4.66 13.04 9.90
C HIS C 175 4.88 14.09 10.98
N THR C 176 6.14 14.34 11.33
CA THR C 176 6.50 15.39 12.28
C THR C 176 7.00 16.59 11.48
N PHE C 177 6.16 17.60 11.35
CA PHE C 177 6.48 18.73 10.48
C PHE C 177 7.61 19.57 11.06
N PRO C 178 8.42 20.20 10.22
CA PRO C 178 9.55 21.01 10.70
C PRO C 178 9.09 22.13 11.62
N ALA C 179 10.02 22.58 12.47
CA ALA C 179 9.73 23.60 13.49
C ALA C 179 9.63 24.99 12.88
N VAL C 180 8.84 25.86 13.53
CA VAL C 180 8.68 27.25 13.13
C VAL C 180 8.86 28.17 14.33
N LEU C 181 9.99 28.85 14.36
CA LEU C 181 10.29 29.98 15.22
C LEU C 181 9.31 31.12 14.94
N GLN C 182 8.48 31.44 15.92
CA GLN C 182 7.50 32.49 15.76
C GLN C 182 8.20 33.84 15.86
N SER C 183 7.43 34.91 15.68
CA SER C 183 8.03 36.23 15.63
C SER C 183 8.73 36.55 16.94
N SER C 184 8.20 36.02 18.04
CA SER C 184 8.76 36.32 19.36
C SER C 184 10.19 35.80 19.47
N GLY C 185 10.44 34.62 18.91
CA GLY C 185 11.74 33.99 19.04
C GLY C 185 11.60 32.59 19.57
N LEU C 186 10.36 32.10 19.62
CA LEU C 186 10.03 30.81 20.19
C LEU C 186 9.43 29.92 19.11
N TYR C 187 9.94 28.69 19.02
CA TYR C 187 9.49 27.74 18.02
C TYR C 187 8.14 27.14 18.39
N SER C 188 7.47 26.59 17.38
CA SER C 188 6.22 25.85 17.56
C SER C 188 6.17 24.81 16.45
N LEU C 189 5.32 23.80 16.63
CA LEU C 189 5.25 22.73 15.63
C LEU C 189 4.00 21.90 15.82
N SER C 190 3.72 21.08 14.82
CA SER C 190 2.59 20.16 14.83
C SER C 190 3.04 18.79 14.38
N SER C 191 2.48 17.76 15.00
CA SER C 191 2.79 16.38 14.68
C SER C 191 1.47 15.63 14.43
N VAL C 192 1.39 14.95 13.29
CA VAL C 192 0.18 14.24 12.92
C VAL C 192 0.46 12.77 12.62
N CYS C 207 -0.13 10.81 22.21
CA CYS C 207 1.17 11.24 21.73
C CYS C 207 2.05 11.75 22.87
N ASN C 208 3.34 11.44 22.82
CA ASN C 208 4.30 11.82 23.84
C ASN C 208 5.28 12.84 23.27
N VAL C 209 5.25 14.04 23.81
CA VAL C 209 6.19 15.09 23.47
C VAL C 209 7.20 15.22 24.58
N ASN C 210 8.49 15.30 24.22
CA ASN C 210 9.57 15.38 25.19
C ASN C 210 10.43 16.60 24.89
N HIS C 211 10.33 17.62 25.74
CA HIS C 211 11.19 18.80 25.68
C HIS C 211 12.27 18.64 26.73
N LYS C 212 13.48 18.29 26.29
CA LYS C 212 14.54 18.00 27.24
C LYS C 212 15.06 19.24 27.96
N PRO C 213 15.38 20.36 27.27
CA PRO C 213 15.86 21.53 28.01
C PRO C 213 14.85 22.13 28.96
N SER C 214 13.55 21.87 28.76
CA SER C 214 12.51 22.38 29.65
C SER C 214 12.11 21.39 30.73
N ASN C 215 12.66 20.17 30.71
CA ASN C 215 12.29 19.10 31.64
C ASN C 215 10.78 18.86 31.59
N THR C 216 10.22 18.83 30.39
CA THR C 216 8.79 18.64 30.19
C THR C 216 8.52 17.39 29.35
N ASP D 1 43.88 25.52 3.86
CA ASP D 1 43.24 26.61 3.14
C ASP D 1 42.68 26.15 1.80
N ILE D 2 42.59 24.83 1.63
CA ILE D 2 42.00 24.28 0.41
C ILE D 2 40.51 24.61 0.38
N VAL D 3 40.04 25.06 -0.78
CA VAL D 3 38.63 25.37 -1.00
C VAL D 3 38.09 24.38 -2.02
N MET D 4 36.93 23.79 -1.72
CA MET D 4 36.35 22.76 -2.57
C MET D 4 34.91 23.14 -2.89
N THR D 5 34.67 23.48 -4.15
CA THR D 5 33.34 23.82 -4.64
C THR D 5 32.74 22.64 -5.39
N GLN D 6 31.42 22.52 -5.33
CA GLN D 6 30.72 21.43 -5.97
C GLN D 6 29.85 21.92 -7.12
N SER D 7 29.42 20.96 -7.94
CA SER D 7 28.61 21.15 -9.14
C SER D 7 27.59 20.03 -9.28
N PRO D 8 26.28 20.35 -9.39
CA PRO D 8 25.67 21.66 -9.17
C PRO D 8 25.36 21.94 -7.71
N LEU D 9 24.56 22.98 -7.43
CA LEU D 9 24.07 23.19 -6.07
C LEU D 9 22.81 22.36 -5.80
N SER D 10 22.02 22.09 -6.85
CA SER D 10 20.84 21.25 -6.73
C SER D 10 20.54 20.65 -8.09
N LEU D 11 20.00 19.44 -8.08
CA LEU D 11 19.66 18.74 -9.32
C LEU D 11 18.52 17.78 -9.03
N SER D 12 17.63 17.62 -10.00
CA SER D 12 16.48 16.73 -9.90
C SER D 12 16.56 15.71 -11.02
N VAL D 13 16.70 14.44 -10.66
CA VAL D 13 16.76 13.35 -11.62
C VAL D 13 15.48 12.54 -11.55
N ALA D 14 15.08 12.00 -12.69
CA ALA D 14 13.93 11.10 -12.73
C ALA D 14 14.30 9.77 -12.08
N PRO D 15 13.32 9.06 -11.51
CA PRO D 15 13.62 7.75 -10.91
C PRO D 15 14.16 6.76 -11.91
N GLY D 16 15.45 6.42 -11.79
CA GLY D 16 16.11 5.51 -12.69
C GLY D 16 17.22 6.13 -13.52
N GLU D 17 17.22 7.45 -13.65
CA GLU D 17 18.23 8.13 -14.45
C GLU D 17 19.51 8.32 -13.64
N ALA D 18 20.48 9.00 -14.24
CA ALA D 18 21.81 9.15 -13.65
C ALA D 18 22.02 10.55 -13.11
N ALA D 19 22.59 10.64 -11.92
CA ALA D 19 23.03 11.90 -11.33
C ALA D 19 24.56 11.97 -11.36
N SER D 20 25.08 13.20 -11.32
CA SER D 20 26.53 13.38 -11.47
C SER D 20 26.96 14.63 -10.70
N ILE D 21 27.13 14.46 -9.39
CA ILE D 21 27.69 15.53 -8.56
C ILE D 21 29.19 15.62 -8.84
N SER D 22 29.71 16.85 -8.85
CA SER D 22 31.12 17.08 -9.14
C SER D 22 31.76 17.87 -8.00
N CYS D 23 33.04 17.62 -7.79
CA CYS D 23 33.81 18.32 -6.77
C CYS D 23 35.10 18.83 -7.40
N ARG D 24 35.55 20.00 -6.95
CA ARG D 24 36.71 20.67 -7.51
C ARG D 24 37.48 21.36 -6.40
N SER D 25 38.80 21.14 -6.37
CA SER D 25 39.67 21.66 -5.31
C SER D 25 40.71 22.60 -5.90
N THR D 26 41.12 23.58 -5.08
CA THR D 26 42.15 24.53 -5.50
C THR D 26 43.54 23.91 -5.55
N GLN D 27 43.78 22.83 -4.80
CA GLN D 27 45.07 22.17 -4.79
C GLN D 27 44.89 20.69 -5.12
N SER D 28 45.95 20.09 -5.62
CA SER D 28 45.88 18.71 -6.12
C SER D 28 45.80 17.73 -4.95
N LEU D 29 44.76 16.90 -4.96
CA LEU D 29 44.51 15.92 -3.90
C LEU D 29 44.97 14.54 -4.40
N LEU D 30 46.29 14.32 -4.38
CA LEU D 30 46.86 13.08 -4.89
C LEU D 30 48.09 12.69 -4.10
N ASN D 31 48.34 11.39 -4.03
CA ASN D 31 49.49 10.80 -3.35
C ASN D 31 50.43 10.22 -4.40
N ARG D 32 51.43 9.46 -3.95
CA ARG D 32 52.44 9.07 -4.91
C ARG D 32 51.91 7.93 -5.75
N ASN D 33 51.46 6.87 -5.08
CA ASN D 33 50.49 5.97 -5.70
C ASN D 33 49.25 6.77 -6.11
N GLY D 34 48.62 6.33 -7.20
CA GLY D 34 47.48 7.06 -7.75
C GLY D 34 46.22 7.10 -6.90
N ASP D 35 46.36 7.37 -5.60
CA ASP D 35 45.23 7.45 -4.70
C ASP D 35 44.96 8.92 -4.39
N ASN D 36 43.72 9.33 -4.60
CA ASN D 36 43.30 10.71 -4.41
C ASN D 36 42.54 10.85 -3.11
N TYR D 37 42.98 11.79 -2.27
CA TYR D 37 42.40 11.97 -0.93
C TYR D 37 41.11 12.78 -1.06
N LEU D 38 39.98 12.07 -1.12
CA LEU D 38 38.67 12.69 -1.26
C LEU D 38 37.57 11.69 -0.91
N GLU D 39 36.71 12.04 0.04
CA GLU D 39 35.62 11.17 0.45
C GLU D 39 34.27 11.82 0.17
N TRP D 40 33.30 11.02 -0.28
CA TRP D 40 31.97 11.50 -0.59
C TRP D 40 31.01 11.07 0.50
N TYR D 41 30.26 12.04 1.03
CA TYR D 41 29.33 11.80 2.11
C TYR D 41 27.92 12.17 1.68
N LEU D 42 26.94 11.51 2.27
CA LEU D 42 25.53 11.76 1.99
C LEU D 42 24.81 11.99 3.31
N ARG D 43 24.37 13.22 3.55
CA ARG D 43 23.54 13.52 4.71
C ARG D 43 22.09 13.44 4.26
N ARG D 44 21.38 12.38 4.69
CA ARG D 44 19.96 12.30 4.45
C ARG D 44 19.23 13.38 5.26
N PRO D 45 18.02 13.75 4.85
CA PRO D 45 17.26 14.72 5.65
C PRO D 45 16.84 14.10 6.98
N GLY D 46 17.29 14.71 8.07
CA GLY D 46 16.96 14.24 9.39
C GLY D 46 18.05 13.42 10.04
N ARG D 47 18.69 12.56 9.26
CA ARG D 47 19.75 11.70 9.77
C ARG D 47 21.11 12.40 9.69
N SER D 48 22.11 11.76 10.28
CA SER D 48 23.48 12.27 10.30
C SER D 48 24.17 11.98 8.98
N PRO D 49 25.36 12.56 8.75
CA PRO D 49 26.09 12.22 7.52
C PRO D 49 26.40 10.74 7.41
N GLN D 50 26.57 10.30 6.16
CA GLN D 50 26.79 8.90 5.81
C GLN D 50 27.94 8.81 4.83
N LEU D 51 28.82 7.84 5.02
CA LEU D 51 29.97 7.67 4.16
C LEU D 51 29.60 6.82 2.94
N LEU D 52 29.88 7.35 1.76
CA LEU D 52 29.59 6.66 0.50
C LEU D 52 30.84 6.15 -0.20
N ILE D 53 31.86 7.00 -0.33
CA ILE D 53 33.07 6.64 -1.07
C ILE D 53 34.28 7.22 -0.36
N TYR D 54 35.36 6.45 -0.30
CA TYR D 54 36.61 6.89 0.30
C TYR D 54 37.76 6.66 -0.68
N LEU D 55 38.80 7.49 -0.55
CA LEU D 55 39.99 7.44 -1.40
C LEU D 55 39.64 7.57 -2.88
N GLY D 56 38.62 8.38 -3.17
CA GLY D 56 38.29 8.78 -4.52
C GLY D 56 37.38 7.85 -5.29
N SER D 57 37.41 6.54 -5.01
CA SER D 57 36.76 5.60 -5.93
C SER D 57 36.03 4.42 -5.31
N GLU D 58 36.29 3.95 -4.08
CA GLU D 58 35.54 2.79 -3.59
C GLU D 58 34.30 3.22 -2.84
N ARG D 59 33.21 2.49 -3.11
CA ARG D 59 32.05 2.49 -2.22
C ARG D 59 32.44 1.95 -0.85
N ALA D 60 31.88 2.55 0.20
CA ALA D 60 32.15 2.13 1.57
C ALA D 60 31.35 0.87 1.89
N LEU D 61 31.49 0.39 3.13
CA LEU D 61 30.78 -0.82 3.54
C LEU D 61 29.29 -0.55 3.60
N GLY D 62 28.52 -1.37 2.87
CA GLY D 62 27.08 -1.26 2.85
C GLY D 62 26.52 -0.34 1.79
N VAL D 63 27.37 0.31 1.00
CA VAL D 63 26.88 1.24 -0.02
C VAL D 63 26.49 0.45 -1.26
N PRO D 64 25.27 0.62 -1.78
CA PRO D 64 24.91 -0.07 -3.04
C PRO D 64 25.76 0.45 -4.19
N ASP D 65 26.21 -0.47 -5.03
CA ASP D 65 27.21 -0.14 -6.04
C ASP D 65 26.67 0.71 -7.18
N ARG D 66 25.42 1.21 -7.10
CA ARG D 66 24.98 2.22 -8.05
C ARG D 66 25.80 3.49 -7.92
N PHE D 67 26.38 3.71 -6.75
CA PHE D 67 27.21 4.88 -6.49
C PHE D 67 28.64 4.57 -6.95
N SER D 68 29.21 5.48 -7.74
CA SER D 68 30.54 5.28 -8.31
C SER D 68 31.32 6.58 -8.28
N GLY D 69 32.59 6.48 -7.89
CA GLY D 69 33.48 7.62 -7.88
C GLY D 69 34.46 7.60 -9.03
N SER D 70 35.00 8.78 -9.32
CA SER D 70 35.96 8.94 -10.41
C SER D 70 36.62 10.30 -10.26
N GLY D 71 37.71 10.49 -10.98
CA GLY D 71 38.37 11.78 -10.98
C GLY D 71 39.76 11.69 -10.36
N SER D 72 40.63 12.60 -10.78
CA SER D 72 41.99 12.66 -10.27
C SER D 72 42.47 14.11 -10.30
N GLY D 73 43.52 14.37 -9.53
CA GLY D 73 44.10 15.70 -9.48
C GLY D 73 43.26 16.70 -8.72
N ARG D 74 42.51 17.54 -9.43
CA ARG D 74 41.74 18.61 -8.82
C ARG D 74 40.24 18.50 -9.06
N ASP D 75 39.82 17.90 -10.17
CA ASP D 75 38.40 17.71 -10.47
C ASP D 75 37.99 16.27 -10.16
N PHE D 76 36.78 16.13 -9.61
CA PHE D 76 36.29 14.83 -9.17
C PHE D 76 34.82 14.71 -9.51
N THR D 77 34.32 13.48 -9.48
CA THR D 77 32.93 13.20 -9.83
C THR D 77 32.37 12.08 -8.98
N LEU D 78 31.14 12.27 -8.50
CA LEU D 78 30.37 11.25 -7.80
C LEU D 78 29.14 10.97 -8.64
N LYS D 79 29.12 9.83 -9.29
CA LYS D 79 28.05 9.46 -10.21
C LYS D 79 27.17 8.38 -9.61
N ILE D 80 25.86 8.52 -9.83
CA ILE D 80 24.86 7.52 -9.48
C ILE D 80 24.25 7.02 -10.78
N SER D 81 24.27 5.70 -10.99
CA SER D 81 23.78 5.12 -12.23
C SER D 81 22.27 4.88 -12.21
N ARG D 82 21.74 4.38 -11.09
CA ARG D 82 20.31 4.13 -10.94
C ARG D 82 19.85 4.77 -9.64
N VAL D 83 19.02 5.80 -9.74
CA VAL D 83 18.57 6.55 -8.58
C VAL D 83 17.27 5.95 -8.07
N GLU D 84 17.25 5.58 -6.80
CA GLU D 84 16.05 5.10 -6.14
C GLU D 84 15.48 6.20 -5.24
N ALA D 85 14.40 5.86 -4.53
CA ALA D 85 13.71 6.87 -3.74
C ALA D 85 14.54 7.33 -2.54
N GLN D 86 15.44 6.49 -2.05
CA GLN D 86 16.21 6.81 -0.86
C GLN D 86 17.37 7.76 -1.12
N ASP D 87 17.71 8.01 -2.39
CA ASP D 87 18.88 8.81 -2.71
C ASP D 87 18.69 10.30 -2.43
N VAL D 88 17.53 10.72 -1.92
CA VAL D 88 17.33 12.13 -1.61
C VAL D 88 18.18 12.52 -0.42
N GLY D 89 18.69 13.75 -0.46
CA GLY D 89 19.55 14.24 0.60
C GLY D 89 20.55 15.23 0.03
N THR D 90 21.58 15.51 0.81
CA THR D 90 22.64 16.43 0.41
C THR D 90 23.96 15.67 0.34
N TYR D 91 24.67 15.83 -0.77
CA TYR D 91 25.89 15.09 -1.04
C TYR D 91 27.09 16.02 -0.91
N TYR D 92 28.04 15.62 -0.08
CA TYR D 92 29.20 16.45 0.24
C TYR D 92 30.48 15.72 -0.14
N CYS D 93 31.43 16.45 -0.72
CA CYS D 93 32.79 15.97 -0.89
C CYS D 93 33.67 16.57 0.20
N LEU D 94 34.74 15.86 0.55
CA LEU D 94 35.63 16.28 1.62
C LEU D 94 37.05 15.87 1.29
N GLN D 95 37.98 16.81 1.36
CA GLN D 95 39.38 16.53 1.14
C GLN D 95 40.05 16.15 2.45
N THR D 96 41.04 15.26 2.37
CA THR D 96 41.82 14.86 3.52
C THR D 96 43.31 15.07 3.33
N ARG D 97 43.73 15.70 2.24
CA ARG D 97 45.16 15.76 1.93
C ARG D 97 45.91 16.65 2.90
N GLN D 98 45.45 17.87 3.12
CA GLN D 98 46.23 18.81 3.90
C GLN D 98 45.31 19.88 4.49
N GLY D 99 45.88 20.66 5.41
CA GLY D 99 45.26 21.74 6.15
C GLY D 99 44.01 21.27 6.88
N ALA D 100 43.19 22.26 7.23
CA ALA D 100 41.86 21.96 7.73
C ALA D 100 41.09 21.18 6.67
N PHE D 101 40.55 20.02 7.06
CA PHE D 101 39.80 19.19 6.13
C PHE D 101 38.57 19.94 5.67
N THR D 102 38.53 20.29 4.38
CA THR D 102 37.50 21.15 3.84
C THR D 102 36.42 20.32 3.15
N PHE D 103 35.19 20.46 3.62
CA PHE D 103 34.05 19.87 2.94
C PHE D 103 33.65 20.72 1.74
N GLY D 104 32.73 20.19 0.95
CA GLY D 104 32.17 20.96 -0.15
C GLY D 104 31.02 21.84 0.31
N GLN D 105 30.61 22.73 -0.58
CA GLN D 105 29.47 23.59 -0.29
C GLN D 105 28.18 22.80 -0.16
N GLY D 106 28.05 21.71 -0.90
CA GLY D 106 26.86 20.88 -0.82
C GLY D 106 26.15 20.72 -2.15
N THR D 107 25.39 19.63 -2.30
CA THR D 107 24.61 19.38 -3.49
C THR D 107 23.41 18.54 -3.10
N LYS D 108 22.22 18.96 -3.54
CA LYS D 108 20.98 18.27 -3.20
C LYS D 108 20.47 17.48 -4.40
N LEU D 109 19.78 16.39 -4.10
CA LEU D 109 19.15 15.54 -5.10
C LEU D 109 17.65 15.48 -4.83
N GLU D 110 16.85 15.72 -5.85
CA GLU D 110 15.40 15.65 -5.76
C GLU D 110 14.89 14.66 -6.79
N ILE D 111 13.65 14.22 -6.60
CA ILE D 111 13.02 13.22 -7.45
C ILE D 111 11.82 13.86 -8.15
N LYS D 112 11.61 13.52 -9.42
CA LYS D 112 10.49 14.00 -10.20
C LYS D 112 9.41 12.94 -10.24
N ARG D 113 8.22 13.27 -9.76
CA ARG D 113 7.09 12.35 -9.79
C ARG D 113 6.00 12.85 -10.73
N GLY D 162 0.36 37.42 7.51
CA GLY D 162 1.29 37.70 8.60
C GLY D 162 0.87 37.07 9.91
N ASN D 163 -0.17 36.21 9.86
CA ASN D 163 -0.67 35.51 11.03
C ASN D 163 -0.46 34.01 10.97
N SER D 164 0.03 33.49 9.85
CA SER D 164 0.23 32.05 9.69
C SER D 164 1.54 31.79 8.95
N GLN D 165 2.05 30.57 9.12
CA GLN D 165 3.26 30.13 8.47
C GLN D 165 3.15 28.62 8.26
N GLU D 166 4.08 28.07 7.47
CA GLU D 166 4.02 26.65 7.15
C GLU D 166 5.42 26.08 7.05
N SER D 167 5.52 24.78 7.33
CA SER D 167 6.75 24.03 7.23
C SER D 167 6.51 22.82 6.34
N VAL D 168 7.35 22.67 5.31
CA VAL D 168 7.16 21.64 4.30
C VAL D 168 8.06 20.47 4.63
N THR D 169 7.46 19.28 4.73
CA THR D 169 8.25 18.07 4.94
C THR D 169 9.11 17.78 3.72
N GLU D 170 10.34 17.36 3.97
CA GLU D 170 11.22 16.95 2.88
C GLU D 170 10.67 15.67 2.25
N GLN D 171 11.14 15.39 1.03
CA GLN D 171 10.68 14.20 0.31
C GLN D 171 10.99 12.96 1.11
N ASP D 172 9.95 12.20 1.45
CA ASP D 172 10.10 11.03 2.29
C ASP D 172 10.78 9.90 1.52
N SER D 173 11.29 8.92 2.28
CA SER D 173 11.80 7.70 1.66
C SER D 173 10.71 7.06 0.79
N LYS D 174 9.48 7.00 1.29
CA LYS D 174 8.33 6.79 0.43
C LYS D 174 8.18 7.99 -0.48
N ASP D 175 8.27 7.78 -1.79
CA ASP D 175 8.30 8.89 -2.72
C ASP D 175 7.06 9.75 -2.60
N SER D 176 7.26 11.06 -2.48
CA SER D 176 6.16 12.01 -2.33
C SER D 176 6.46 13.31 -3.04
#